data_4E8Y
#
_entry.id   4E8Y
#
_cell.length_a   62.563
_cell.length_b   69.200
_cell.length_c   92.518
_cell.angle_alpha   90.00
_cell.angle_beta   104.18
_cell.angle_gamma   90.00
#
_symmetry.space_group_name_H-M   'P 1 2 1'
#
loop_
_entity.id
_entity.type
_entity.pdbx_description
1 polymer 'D-beta-D-heptose 7-phosphate kinase'
2 non-polymer '{[2-({[5-(2,6-dimethoxyphenyl)-1,2,4-triazin-3-yl]amino}methyl)-1,3-benzothiazol-5-yl]oxy}acetic acid'
3 non-polymer 7-O-phosphono-D-glycero-beta-D-manno-heptopyranose
4 non-polymer 'POTASSIUM ION'
5 non-polymer 'CHLORIDE ION'
6 non-polymer 'PHOSPHATE ION'
7 water water
#
_entity_poly.entity_id   1
_entity_poly.type   'polypeptide(L)'
_entity_poly.pdbx_seq_one_letter_code
;MSYYHHHHHHLESTSLYKKAGLDYDIPTTENLYFQGMNTLREVVPVPREQLARSRVLVVGDVMLDRYWFGNVDRISPEAP
VPVVHVQRQEERLGGAANVARNAVTLGGQAGLLCVVGCDEPGERIVELLGSSGVTPHLERDPALPTTIKLRVLARQQQLL
RVDFEAMPTHEVLLAGLARFDVLLPQHDVVLMSDYAKGGLTHVTTMIEKARAAGKAVLVDPKGDDWARYRGASLITPNRA
ELREVVGQWKSEDDLRARVANLRAELDIDALLLTRSEEGMTLFSAGGELHAPALAREVFDVSGAGDTVIATVATMLGAGV
PLVDAVVLANRAAGIVVGKLGTATVDYDELFH
;
_entity_poly.pdbx_strand_id   A,B
#
loop_
_chem_comp.id
_chem_comp.type
_chem_comp.name
_chem_comp.formula
CL non-polymer 'CHLORIDE ION' 'Cl -1'
IHA non-polymer '{[2-({[5-(2,6-dimethoxyphenyl)-1,2,4-triazin-3-yl]amino}methyl)-1,3-benzothiazol-5-yl]oxy}acetic acid' 'C21 H19 N5 O5 S'
K non-polymer 'POTASSIUM ION' 'K 1'
M7B D-saccharide, beta linking 7-O-phosphono-D-glycero-beta-D-manno-heptopyranose 'C7 H15 O10 P'
PO4 non-polymer 'PHOSPHATE ION' 'O4 P -3'
#
# COMPACT_ATOMS: atom_id res chain seq x y z
N VAL A 43 -13.69 20.49 -30.89
CA VAL A 43 -14.34 19.31 -30.34
C VAL A 43 -15.09 19.63 -29.04
N VAL A 44 -16.41 19.43 -29.06
CA VAL A 44 -17.24 19.64 -27.88
C VAL A 44 -16.98 18.53 -26.84
N PRO A 45 -17.20 18.84 -25.55
CA PRO A 45 -16.97 17.85 -24.50
C PRO A 45 -17.90 16.64 -24.59
N VAL A 46 -17.36 15.48 -24.28
CA VAL A 46 -18.14 14.25 -24.19
C VAL A 46 -18.37 13.95 -22.71
N PRO A 47 -19.62 14.08 -22.25
CA PRO A 47 -20.01 13.92 -20.85
C PRO A 47 -19.34 12.73 -20.17
N ARG A 48 -18.76 12.96 -18.99
CA ARG A 48 -17.98 11.93 -18.30
C ARG A 48 -18.75 10.63 -18.13
N GLU A 49 -20.06 10.73 -18.04
CA GLU A 49 -20.94 9.57 -17.96
C GLU A 49 -20.87 8.74 -19.24
N GLN A 50 -20.54 9.39 -20.35
CA GLN A 50 -20.46 8.70 -21.64
C GLN A 50 -19.11 8.01 -21.83
N LEU A 51 -18.04 8.66 -21.36
CA LEU A 51 -16.71 8.08 -21.41
C LEU A 51 -16.60 6.88 -20.48
N ALA A 52 -17.37 6.92 -19.39
CA ALA A 52 -17.33 5.88 -18.38
C ALA A 52 -17.84 4.55 -18.91
N ARG A 53 -18.65 4.60 -19.97
CA ARG A 53 -19.20 3.39 -20.56
C ARG A 53 -18.33 2.86 -21.71
N SER A 54 -17.16 3.46 -21.89
CA SER A 54 -16.24 3.00 -22.92
C SER A 54 -15.40 1.84 -22.41
N ARG A 55 -15.58 0.68 -23.02
CA ARG A 55 -14.87 -0.52 -22.61
C ARG A 55 -13.81 -0.92 -23.63
N VAL A 56 -12.55 -0.82 -23.23
CA VAL A 56 -11.44 -1.12 -24.12
C VAL A 56 -10.66 -2.33 -23.64
N LEU A 57 -10.54 -3.32 -24.52
CA LEU A 57 -9.72 -4.50 -24.21
C LEU A 57 -8.33 -4.32 -24.77
N VAL A 58 -7.36 -4.09 -23.88
CA VAL A 58 -5.98 -4.00 -24.29
C VAL A 58 -5.35 -5.38 -24.25
N VAL A 59 -4.80 -5.82 -25.38
CA VAL A 59 -4.08 -7.07 -25.47
C VAL A 59 -2.69 -6.80 -26.02
N GLY A 60 -1.67 -7.30 -25.35
CA GLY A 60 -0.32 -7.10 -25.84
C GLY A 60 0.82 -7.33 -24.87
N ASP A 61 1.94 -6.66 -25.14
CA ASP A 61 3.18 -6.86 -24.39
C ASP A 61 3.32 -5.88 -23.24
N VAL A 62 3.18 -6.38 -22.02
CA VAL A 62 3.24 -5.55 -20.82
C VAL A 62 4.70 -5.35 -20.36
N MET A 63 4.99 -4.16 -19.85
CA MET A 63 6.36 -3.78 -19.49
C MET A 63 6.37 -3.02 -18.16
N LEU A 64 7.47 -3.14 -17.43
CA LEU A 64 7.70 -2.29 -16.27
C LEU A 64 8.93 -1.41 -16.51
N ASP A 65 8.71 -0.10 -16.62
CA ASP A 65 9.81 0.84 -16.77
C ASP A 65 10.40 1.19 -15.41
N ARG A 66 11.68 0.91 -15.22
CA ARG A 66 12.35 1.18 -13.96
C ARG A 66 13.54 2.10 -14.19
N TYR A 67 13.70 3.10 -13.32
CA TYR A 67 14.74 4.11 -13.48
C TYR A 67 15.60 4.22 -12.23
N TRP A 68 16.90 4.01 -12.38
CA TRP A 68 17.84 4.17 -11.27
C TRP A 68 18.65 5.45 -11.40
N PHE A 69 18.47 6.35 -10.45
CA PHE A 69 19.21 7.62 -10.45
C PHE A 69 20.32 7.56 -9.41
N GLY A 70 21.53 7.93 -9.82
CA GLY A 70 22.66 7.88 -8.93
C GLY A 70 23.76 8.88 -9.18
N ASN A 71 24.86 8.71 -8.46
CA ASN A 71 26.04 9.54 -8.60
C ASN A 71 27.21 8.72 -9.12
N VAL A 72 28.09 9.36 -9.87
CA VAL A 72 29.29 8.70 -10.36
C VAL A 72 30.53 9.47 -9.92
N ASP A 73 31.21 8.95 -8.90
CA ASP A 73 32.37 9.63 -8.34
C ASP A 73 33.67 8.90 -8.68
N ARG A 74 33.59 7.69 -9.21
CA ARG A 74 34.80 6.91 -9.43
C ARG A 74 34.69 5.83 -10.51
N ILE A 75 35.83 5.26 -10.86
CA ILE A 75 35.93 4.18 -11.82
C ILE A 75 36.02 2.86 -11.04
N SER A 76 35.36 1.81 -11.54
CA SER A 76 35.44 0.50 -10.93
C SER A 76 36.89 0.04 -10.85
N PRO A 77 37.22 -0.76 -9.82
CA PRO A 77 38.55 -1.34 -9.65
C PRO A 77 38.74 -2.59 -10.49
N GLU A 78 37.67 -3.02 -11.17
CA GLU A 78 37.73 -4.23 -11.98
C GLU A 78 37.71 -3.94 -13.48
N ALA A 79 37.32 -2.73 -13.87
CA ALA A 79 37.13 -2.40 -15.27
C ALA A 79 37.09 -0.89 -15.49
N PRO A 80 37.50 -0.44 -16.70
CA PRO A 80 37.52 0.99 -17.03
C PRO A 80 36.12 1.55 -17.22
N VAL A 81 35.23 1.29 -16.26
CA VAL A 81 33.84 1.67 -16.36
C VAL A 81 33.41 2.39 -15.09
N PRO A 82 32.35 3.22 -15.17
CA PRO A 82 31.91 3.98 -14.00
C PRO A 82 31.29 3.10 -12.92
N VAL A 83 31.29 3.62 -11.69
CA VAL A 83 30.49 3.03 -10.62
C VAL A 83 29.35 3.99 -10.35
N VAL A 84 28.12 3.48 -10.42
CA VAL A 84 26.96 4.31 -10.13
C VAL A 84 26.45 4.02 -8.73
N HIS A 85 26.51 5.02 -7.86
CA HIS A 85 25.91 4.89 -6.54
C HIS A 85 24.48 5.40 -6.61
N VAL A 86 23.54 4.47 -6.70
CA VAL A 86 22.13 4.81 -6.90
C VAL A 86 21.48 5.37 -5.64
N GLN A 87 20.78 6.47 -5.79
CA GLN A 87 20.18 7.16 -4.65
C GLN A 87 18.67 7.04 -4.62
N ARG A 88 18.05 6.87 -5.80
CA ARG A 88 16.59 6.77 -5.87
C ARG A 88 16.07 6.04 -7.10
N GLN A 89 14.94 5.37 -6.93
CA GLN A 89 14.32 4.59 -7.99
C GLN A 89 13.00 5.20 -8.44
N GLU A 90 12.60 4.91 -9.68
CA GLU A 90 11.35 5.39 -10.23
C GLU A 90 10.73 4.28 -11.07
N GLU A 91 9.42 4.07 -10.91
CA GLU A 91 8.73 3.00 -11.64
C GLU A 91 7.48 3.49 -12.36
N ARG A 92 7.32 3.07 -13.60
CA ARG A 92 6.14 3.37 -14.39
C ARG A 92 5.66 2.10 -15.09
N LEU A 93 4.36 1.98 -15.26
CA LEU A 93 3.81 0.91 -16.09
C LEU A 93 4.20 1.19 -17.53
N GLY A 94 4.65 0.15 -18.23
CA GLY A 94 5.08 0.30 -19.60
C GLY A 94 4.33 -0.59 -20.57
N GLY A 95 4.49 -0.33 -21.86
CA GLY A 95 3.87 -1.12 -22.91
C GLY A 95 2.36 -1.09 -22.85
N ALA A 96 1.75 -2.26 -23.02
CA ALA A 96 0.30 -2.39 -23.00
C ALA A 96 -0.30 -1.91 -21.68
N ALA A 97 0.48 -2.01 -20.61
CA ALA A 97 0.03 -1.58 -19.30
C ALA A 97 -0.19 -0.08 -19.27
N ASN A 98 0.75 0.66 -19.87
CA ASN A 98 0.65 2.11 -19.98
C ASN A 98 -0.48 2.52 -20.91
N VAL A 99 -0.67 1.75 -21.97
CA VAL A 99 -1.79 1.97 -22.88
C VAL A 99 -3.09 1.86 -22.10
N ALA A 100 -3.20 0.80 -21.29
CA ALA A 100 -4.41 0.53 -20.52
C ALA A 100 -4.69 1.58 -19.46
N ARG A 101 -3.64 2.07 -18.80
CA ARG A 101 -3.81 3.06 -17.74
C ARG A 101 -4.09 4.45 -18.31
N ASN A 102 -3.66 4.69 -19.54
CA ASN A 102 -4.02 5.92 -20.23
C ASN A 102 -5.51 5.95 -20.53
N ALA A 103 -6.08 4.78 -20.80
CA ALA A 103 -7.49 4.65 -21.15
C ALA A 103 -8.42 4.96 -19.97
N VAL A 104 -7.96 4.65 -18.76
CA VAL A 104 -8.80 4.86 -17.59
C VAL A 104 -8.73 6.28 -17.02
N THR A 105 -7.61 6.96 -17.22
CA THR A 105 -7.45 8.33 -16.73
C THR A 105 -8.29 9.31 -17.54
N LEU A 106 -8.62 8.93 -18.77
CA LEU A 106 -9.45 9.74 -19.63
C LEU A 106 -10.91 9.62 -19.20
N GLY A 107 -11.21 8.55 -18.46
CA GLY A 107 -12.55 8.31 -17.98
C GLY A 107 -13.09 6.96 -18.41
N GLY A 108 -12.40 6.31 -19.34
CA GLY A 108 -12.84 5.06 -19.90
C GLY A 108 -12.49 3.84 -19.07
N GLN A 109 -13.00 2.69 -19.48
CA GLN A 109 -12.71 1.43 -18.79
C GLN A 109 -11.72 0.61 -19.62
N ALA A 110 -10.84 -0.11 -18.95
CA ALA A 110 -9.82 -0.90 -19.64
C ALA A 110 -9.56 -2.25 -18.99
N GLY A 111 -9.63 -3.30 -19.80
CA GLY A 111 -9.18 -4.62 -19.40
C GLY A 111 -7.82 -4.86 -20.04
N LEU A 112 -6.96 -5.60 -19.33
CA LEU A 112 -5.62 -5.87 -19.85
C LEU A 112 -5.35 -7.36 -19.96
N LEU A 113 -5.30 -7.85 -21.19
CA LEU A 113 -4.99 -9.26 -21.45
C LEU A 113 -3.54 -9.40 -21.89
N CYS A 114 -2.74 -10.09 -21.09
CA CYS A 114 -1.30 -10.16 -21.30
C CYS A 114 -0.68 -11.30 -20.52
N VAL A 115 0.64 -11.42 -20.63
CA VAL A 115 1.40 -12.45 -19.94
C VAL A 115 2.48 -11.81 -19.09
N VAL A 116 2.59 -12.24 -17.83
CA VAL A 116 3.69 -11.82 -16.96
C VAL A 116 4.38 -13.03 -16.37
N GLY A 117 5.53 -12.81 -15.75
CA GLY A 117 6.25 -13.88 -15.07
C GLY A 117 5.83 -13.99 -13.63
N CYS A 118 6.42 -14.92 -12.91
CA CYS A 118 6.20 -15.04 -11.47
C CYS A 118 7.38 -14.43 -10.72
N ASP A 119 7.50 -13.11 -10.81
CA ASP A 119 8.62 -12.41 -10.20
C ASP A 119 8.20 -11.03 -9.67
N GLU A 120 9.14 -10.31 -9.08
CA GLU A 120 8.85 -9.01 -8.46
C GLU A 120 8.39 -7.91 -9.43
N PRO A 121 9.02 -7.80 -10.63
CA PRO A 121 8.44 -6.83 -11.56
C PRO A 121 7.00 -7.19 -11.93
N GLY A 122 6.74 -8.48 -12.14
CA GLY A 122 5.40 -8.96 -12.41
C GLY A 122 4.44 -8.63 -11.29
N GLU A 123 4.90 -8.73 -10.05
CA GLU A 123 4.10 -8.38 -8.89
C GLU A 123 3.88 -6.87 -8.81
N ARG A 124 4.90 -6.11 -9.19
CA ARG A 124 4.80 -4.66 -9.19
C ARG A 124 3.76 -4.19 -10.21
N ILE A 125 3.75 -4.82 -11.37
CA ILE A 125 2.78 -4.49 -12.40
C ILE A 125 1.36 -4.71 -11.89
N VAL A 126 1.13 -5.87 -11.27
CA VAL A 126 -0.15 -6.16 -10.64
C VAL A 126 -0.57 -5.08 -9.65
N GLU A 127 0.37 -4.66 -8.80
CA GLU A 127 0.11 -3.60 -7.83
C GLU A 127 -0.23 -2.28 -8.51
N LEU A 128 0.58 -1.89 -9.49
CA LEU A 128 0.38 -0.64 -10.21
C LEU A 128 -0.91 -0.66 -11.02
N LEU A 129 -1.24 -1.80 -11.61
CA LEU A 129 -2.51 -1.97 -12.32
C LEU A 129 -3.68 -1.79 -11.37
N GLY A 130 -3.53 -2.29 -10.15
CA GLY A 130 -4.56 -2.19 -9.14
C GLY A 130 -4.86 -0.76 -8.76
N SER A 131 -3.80 0.02 -8.54
CA SER A 131 -3.96 1.40 -8.10
C SER A 131 -4.27 2.34 -9.27
N SER A 132 -4.35 1.78 -10.47
CA SER A 132 -4.66 2.58 -11.65
C SER A 132 -5.99 2.18 -12.30
N GLY A 133 -6.74 1.32 -11.63
CA GLY A 133 -8.09 0.98 -12.07
C GLY A 133 -8.20 0.12 -13.32
N VAL A 134 -7.07 -0.43 -13.77
CA VAL A 134 -7.07 -1.33 -14.91
C VAL A 134 -7.48 -2.73 -14.46
N THR A 135 -8.52 -3.28 -15.09
CA THR A 135 -8.95 -4.65 -14.79
C THR A 135 -8.02 -5.67 -15.43
N PRO A 136 -7.25 -6.40 -14.61
CA PRO A 136 -6.22 -7.30 -15.12
C PRO A 136 -6.77 -8.66 -15.55
N HIS A 137 -6.17 -9.21 -16.61
CA HIS A 137 -6.45 -10.57 -17.05
C HIS A 137 -5.13 -11.20 -17.44
N LEU A 138 -4.37 -11.61 -16.41
CA LEU A 138 -2.96 -11.94 -16.57
C LEU A 138 -2.67 -13.42 -16.51
N GLU A 139 -2.06 -13.94 -17.58
CA GLU A 139 -1.55 -15.29 -17.57
C GLU A 139 -0.18 -15.24 -16.90
N ARG A 140 0.15 -16.26 -16.12
CA ARG A 140 1.42 -16.28 -15.41
C ARG A 140 2.31 -17.42 -15.89
N ASP A 141 3.47 -17.06 -16.44
CA ASP A 141 4.46 -18.03 -16.86
C ASP A 141 5.66 -17.94 -15.92
N PRO A 142 5.83 -18.95 -15.07
CA PRO A 142 6.95 -18.97 -14.13
C PRO A 142 8.30 -19.05 -14.83
N ALA A 143 8.31 -19.62 -16.03
CA ALA A 143 9.53 -19.73 -16.81
C ALA A 143 9.88 -18.42 -17.51
N LEU A 144 8.92 -17.50 -17.53
CA LEU A 144 9.11 -16.21 -18.19
C LEU A 144 9.55 -15.13 -17.22
N PRO A 145 10.55 -14.33 -17.62
CA PRO A 145 10.87 -13.13 -16.87
C PRO A 145 9.93 -12.00 -17.30
N THR A 146 9.29 -11.34 -16.33
CA THR A 146 8.46 -10.20 -16.65
C THR A 146 9.32 -9.18 -17.37
N THR A 147 8.81 -8.64 -18.47
CA THR A 147 9.57 -7.66 -19.23
C THR A 147 9.76 -6.39 -18.42
N ILE A 148 11.01 -6.03 -18.18
CA ILE A 148 11.32 -4.82 -17.44
C ILE A 148 12.45 -4.03 -18.12
N LYS A 149 12.19 -2.75 -18.35
CA LYS A 149 13.19 -1.87 -18.98
C LYS A 149 13.81 -0.97 -17.92
N LEU A 150 15.04 -1.27 -17.55
CA LEU A 150 15.73 -0.56 -16.48
C LEU A 150 16.74 0.45 -17.00
N ARG A 151 16.48 1.73 -16.75
CA ARG A 151 17.38 2.79 -17.14
C ARG A 151 18.28 3.19 -15.97
N VAL A 152 19.56 3.38 -16.25
CA VAL A 152 20.50 3.80 -15.24
C VAL A 152 21.01 5.19 -15.57
N LEU A 153 20.89 6.11 -14.61
CA LEU A 153 21.23 7.50 -14.86
C LEU A 153 22.14 8.09 -13.79
N ALA A 154 22.91 9.09 -14.20
CA ALA A 154 23.75 9.88 -13.30
C ALA A 154 24.00 11.20 -13.99
N ARG A 155 24.00 12.29 -13.20
CA ARG A 155 24.13 13.64 -13.74
C ARG A 155 23.12 13.93 -14.85
N GLN A 156 21.93 13.34 -14.71
CA GLN A 156 20.82 13.54 -15.64
C GLN A 156 21.08 13.04 -17.06
N GLN A 157 21.87 11.98 -17.19
CA GLN A 157 22.03 11.32 -18.47
C GLN A 157 22.07 9.81 -18.28
N GLN A 158 21.59 9.07 -19.28
CA GLN A 158 21.61 7.62 -19.23
C GLN A 158 23.00 7.07 -19.49
N LEU A 159 23.38 6.04 -18.76
CA LEU A 159 24.67 5.39 -18.98
C LEU A 159 24.45 4.04 -19.63
N LEU A 160 23.28 3.46 -19.39
CA LEU A 160 22.97 2.12 -19.86
C LEU A 160 21.48 1.82 -19.70
N ARG A 161 20.96 0.96 -20.57
CA ARG A 161 19.65 0.38 -20.33
C ARG A 161 19.79 -1.13 -20.19
N VAL A 162 19.18 -1.67 -19.15
CA VAL A 162 19.25 -3.11 -18.88
C VAL A 162 17.88 -3.75 -19.09
N ASP A 163 17.81 -4.73 -19.98
CA ASP A 163 16.55 -5.37 -20.32
C ASP A 163 16.45 -6.83 -19.87
N PHE A 164 15.29 -7.17 -19.30
CA PHE A 164 14.96 -8.56 -19.00
C PHE A 164 13.68 -8.88 -19.75
N GLU A 165 13.73 -9.91 -20.59
CA GLU A 165 12.57 -10.31 -21.40
C GLU A 165 12.80 -11.63 -22.11
N ALA A 166 11.71 -12.29 -22.47
CA ALA A 166 11.79 -13.55 -23.20
C ALA A 166 10.47 -13.87 -23.90
N MET A 167 10.35 -15.11 -24.36
CA MET A 167 9.17 -15.55 -25.07
C MET A 167 8.28 -16.41 -24.18
N PRO A 168 6.99 -16.07 -24.09
CA PRO A 168 6.02 -16.93 -23.39
C PRO A 168 5.91 -18.28 -24.09
N THR A 169 5.59 -19.31 -23.32
CA THR A 169 5.47 -20.66 -23.86
C THR A 169 4.26 -20.79 -24.79
N HIS A 170 4.28 -21.84 -25.60
CA HIS A 170 3.17 -22.16 -26.49
C HIS A 170 1.87 -22.32 -25.70
N GLU A 171 1.95 -23.10 -24.63
CA GLU A 171 0.81 -23.38 -23.76
C GLU A 171 0.18 -22.11 -23.19
N VAL A 172 1.01 -21.22 -22.67
CA VAL A 172 0.55 -20.01 -22.04
C VAL A 172 -0.21 -19.09 -23.01
N LEU A 173 0.34 -18.95 -24.22
CA LEU A 173 -0.27 -18.11 -25.25
C LEU A 173 -1.62 -18.61 -25.69
N LEU A 174 -1.77 -19.92 -25.81
CA LEU A 174 -3.05 -20.49 -26.19
C LEU A 174 -4.07 -20.36 -25.07
N ALA A 175 -3.58 -20.33 -23.83
CA ALA A 175 -4.44 -20.10 -22.67
C ALA A 175 -4.99 -18.68 -22.69
N GLY A 176 -4.16 -17.72 -23.09
CA GLY A 176 -4.58 -16.34 -23.19
C GLY A 176 -5.60 -16.15 -24.29
N LEU A 177 -5.42 -16.88 -25.38
CA LEU A 177 -6.34 -16.85 -26.51
C LEU A 177 -7.75 -17.29 -26.10
N ALA A 178 -7.83 -18.18 -25.12
CA ALA A 178 -9.12 -18.60 -24.58
C ALA A 178 -9.76 -17.47 -23.78
N ARG A 179 -8.95 -16.77 -23.00
CA ARG A 179 -9.43 -15.63 -22.22
C ARG A 179 -10.01 -14.57 -23.16
N PHE A 180 -9.37 -14.41 -24.33
CA PHE A 180 -9.82 -13.45 -25.33
C PHE A 180 -11.26 -13.70 -25.75
N ASP A 181 -11.58 -14.95 -26.08
CA ASP A 181 -12.93 -15.32 -26.47
C ASP A 181 -13.96 -14.96 -25.40
N VAL A 182 -13.56 -15.08 -24.14
CA VAL A 182 -14.43 -14.77 -23.01
C VAL A 182 -14.56 -13.27 -22.80
N LEU A 183 -13.44 -12.57 -22.98
CA LEU A 183 -13.37 -11.13 -22.74
C LEU A 183 -13.97 -10.31 -23.87
N LEU A 184 -13.90 -10.85 -25.08
CA LEU A 184 -14.35 -10.15 -26.28
C LEU A 184 -15.78 -9.58 -26.23
N PRO A 185 -16.77 -10.37 -25.75
CA PRO A 185 -18.11 -9.79 -25.70
C PRO A 185 -18.27 -8.68 -24.66
N GLN A 186 -17.29 -8.55 -23.77
CA GLN A 186 -17.39 -7.60 -22.66
C GLN A 186 -16.73 -6.26 -22.96
N HIS A 187 -16.21 -6.11 -24.18
CA HIS A 187 -15.56 -4.86 -24.55
C HIS A 187 -16.09 -4.32 -25.88
N ASP A 188 -16.11 -2.99 -25.99
CA ASP A 188 -16.60 -2.33 -27.19
C ASP A 188 -15.54 -2.32 -28.28
N VAL A 189 -14.28 -2.28 -27.86
CA VAL A 189 -13.17 -2.13 -28.79
C VAL A 189 -11.91 -2.85 -28.29
N VAL A 190 -11.18 -3.47 -29.21
CA VAL A 190 -9.96 -4.18 -28.88
C VAL A 190 -8.73 -3.39 -29.33
N LEU A 191 -7.71 -3.33 -28.48
CA LEU A 191 -6.46 -2.65 -28.81
C LEU A 191 -5.27 -3.61 -28.74
N MET A 192 -4.54 -3.71 -29.84
CA MET A 192 -3.37 -4.58 -29.93
C MET A 192 -2.07 -3.78 -29.78
N SER A 193 -1.46 -3.86 -28.61
CA SER A 193 -0.21 -3.14 -28.35
C SER A 193 0.99 -4.06 -28.56
N ASP A 194 1.65 -3.91 -29.70
CA ASP A 194 2.70 -4.85 -30.10
C ASP A 194 4.11 -4.30 -29.89
N TYR A 195 4.92 -5.06 -29.17
CA TYR A 195 6.30 -4.71 -28.92
C TYR A 195 7.22 -5.88 -29.25
N ALA A 196 6.69 -6.82 -30.03
CA ALA A 196 7.42 -8.00 -30.48
C ALA A 196 8.03 -8.81 -29.35
N LYS A 197 7.26 -8.96 -28.26
CA LYS A 197 7.74 -9.68 -27.08
C LYS A 197 7.09 -11.05 -26.97
N GLY A 198 6.28 -11.40 -27.95
CA GLY A 198 5.68 -12.73 -28.01
C GLY A 198 4.21 -12.75 -27.62
N GLY A 199 3.76 -11.70 -26.93
CA GLY A 199 2.40 -11.65 -26.43
C GLY A 199 1.32 -11.56 -27.50
N LEU A 200 1.71 -11.27 -28.74
CA LEU A 200 0.73 -11.14 -29.80
C LEU A 200 0.96 -12.14 -30.95
N THR A 201 1.48 -13.30 -30.60
CA THR A 201 1.74 -14.37 -31.57
C THR A 201 0.45 -14.79 -32.28
N HIS A 202 -0.67 -14.72 -31.57
CA HIS A 202 -1.96 -15.09 -32.13
C HIS A 202 -2.81 -13.87 -32.44
N VAL A 203 -2.18 -12.79 -32.88
CA VAL A 203 -2.90 -11.55 -33.16
C VAL A 203 -3.87 -11.73 -34.33
N THR A 204 -3.47 -12.50 -35.34
CA THR A 204 -4.27 -12.68 -36.54
C THR A 204 -5.61 -13.33 -36.23
N THR A 205 -5.58 -14.42 -35.46
CA THR A 205 -6.80 -15.11 -35.03
C THR A 205 -7.64 -14.20 -34.14
N MET A 206 -6.97 -13.45 -33.27
CA MET A 206 -7.65 -12.52 -32.38
C MET A 206 -8.38 -11.44 -33.17
N ILE A 207 -7.72 -10.89 -34.18
CA ILE A 207 -8.33 -9.86 -35.03
C ILE A 207 -9.55 -10.40 -35.78
N GLU A 208 -9.46 -11.63 -36.28
CA GLU A 208 -10.59 -12.28 -36.96
C GLU A 208 -11.78 -12.46 -36.05
N LYS A 209 -11.52 -12.98 -34.85
CA LYS A 209 -12.56 -13.21 -33.86
C LYS A 209 -13.28 -11.93 -33.49
N ALA A 210 -12.53 -10.85 -33.38
CA ALA A 210 -13.06 -9.57 -32.93
C ALA A 210 -13.85 -8.84 -34.02
N ARG A 211 -13.34 -8.88 -35.25
CA ARG A 211 -14.00 -8.22 -36.37
C ARG A 211 -15.25 -8.97 -36.79
N ALA A 212 -15.30 -10.26 -36.46
CA ALA A 212 -16.50 -11.06 -36.68
C ALA A 212 -17.55 -10.67 -35.67
N ALA A 213 -17.10 -10.34 -34.46
CA ALA A 213 -17.99 -9.94 -33.38
C ALA A 213 -18.43 -8.48 -33.51
N GLY A 214 -17.99 -7.82 -34.58
CA GLY A 214 -18.35 -6.43 -34.83
C GLY A 214 -17.56 -5.45 -33.99
N LYS A 215 -16.55 -5.95 -33.29
CA LYS A 215 -15.69 -5.14 -32.43
C LYS A 215 -14.59 -4.45 -33.26
N ALA A 216 -14.44 -3.15 -33.08
CA ALA A 216 -13.38 -2.41 -33.77
C ALA A 216 -12.00 -2.83 -33.24
N VAL A 217 -11.04 -2.97 -34.14
CA VAL A 217 -9.71 -3.42 -33.77
C VAL A 217 -8.62 -2.41 -34.12
N LEU A 218 -7.85 -2.01 -33.13
CA LEU A 218 -6.73 -1.10 -33.34
C LEU A 218 -5.41 -1.83 -33.10
N VAL A 219 -4.42 -1.52 -33.94
CA VAL A 219 -3.12 -2.17 -33.86
C VAL A 219 -1.98 -1.16 -33.82
N ASP A 220 -1.23 -1.18 -32.72
CA ASP A 220 0.02 -0.44 -32.62
C ASP A 220 1.11 -1.42 -33.03
N PRO A 221 1.72 -1.19 -34.21
CA PRO A 221 2.54 -2.21 -34.87
C PRO A 221 3.99 -2.28 -34.39
N LYS A 222 4.65 -3.38 -34.71
CA LYS A 222 6.08 -3.56 -34.45
C LYS A 222 6.62 -4.51 -35.51
N GLY A 223 7.79 -4.20 -36.07
CA GLY A 223 8.36 -4.99 -37.14
C GLY A 223 7.76 -4.62 -38.48
N ASP A 224 8.12 -5.35 -39.53
CA ASP A 224 7.63 -5.05 -40.87
C ASP A 224 6.62 -6.05 -41.42
N ASP A 225 6.62 -7.27 -40.87
CA ASP A 225 5.64 -8.28 -41.29
C ASP A 225 4.25 -7.90 -40.79
N TRP A 226 3.50 -7.18 -41.63
CA TRP A 226 2.22 -6.64 -41.22
C TRP A 226 1.03 -7.48 -41.66
N ALA A 227 1.28 -8.50 -42.47
CA ALA A 227 0.22 -9.40 -42.93
C ALA A 227 -0.55 -9.98 -41.74
N ARG A 228 0.13 -10.16 -40.62
CA ARG A 228 -0.50 -10.65 -39.40
CA ARG A 228 -0.51 -10.65 -39.40
C ARG A 228 -1.57 -9.69 -38.89
N TYR A 229 -1.44 -8.42 -39.25
CA TYR A 229 -2.37 -7.39 -38.79
C TYR A 229 -3.58 -7.21 -39.69
N ARG A 230 -3.75 -8.09 -40.68
CA ARG A 230 -4.79 -7.90 -41.68
C ARG A 230 -6.21 -7.98 -41.09
N GLY A 231 -7.08 -7.10 -41.56
CA GLY A 231 -8.45 -7.05 -41.09
C GLY A 231 -8.65 -6.05 -39.96
N ALA A 232 -7.57 -5.37 -39.57
CA ALA A 232 -7.64 -4.40 -38.50
C ALA A 232 -8.38 -3.14 -38.94
N SER A 233 -9.08 -2.50 -38.00
CA SER A 233 -9.85 -1.30 -38.30
C SER A 233 -8.94 -0.07 -38.39
N LEU A 234 -7.82 -0.12 -37.69
CA LEU A 234 -6.89 1.01 -37.64
C LEU A 234 -5.51 0.57 -37.18
N ILE A 235 -4.50 0.89 -37.99
CA ILE A 235 -3.11 0.64 -37.62
C ILE A 235 -2.41 1.99 -37.40
N THR A 236 -1.54 2.05 -36.39
CA THR A 236 -0.96 3.32 -35.98
C THR A 236 0.56 3.32 -35.94
N PRO A 237 1.21 3.39 -37.11
CA PRO A 237 2.68 3.41 -37.15
C PRO A 237 3.22 4.83 -37.17
N ASN A 238 4.49 4.97 -36.82
CA ASN A 238 5.19 6.23 -37.04
C ASN A 238 5.91 6.17 -38.38
N ARG A 239 6.62 7.24 -38.72
CA ARG A 239 7.28 7.33 -40.03
C ARG A 239 8.27 6.20 -40.27
N ALA A 240 9.12 5.94 -39.27
CA ALA A 240 10.14 4.90 -39.37
C ALA A 240 9.55 3.52 -39.60
N GLU A 241 8.48 3.20 -38.88
CA GLU A 241 7.84 1.89 -38.99
C GLU A 241 7.21 1.69 -40.36
N LEU A 242 6.66 2.75 -40.92
CA LEU A 242 6.01 2.68 -42.22
C LEU A 242 7.01 2.52 -43.37
N ARG A 243 8.20 3.08 -43.21
CA ARG A 243 9.22 3.02 -44.25
C ARG A 243 9.69 1.60 -44.54
N GLU A 244 9.86 0.80 -43.49
CA GLU A 244 10.34 -0.57 -43.65
C GLU A 244 9.33 -1.45 -44.38
N VAL A 245 8.07 -1.03 -44.37
CA VAL A 245 7.01 -1.76 -45.04
C VAL A 245 6.84 -1.33 -46.50
N VAL A 246 6.83 -0.02 -46.75
CA VAL A 246 6.52 0.49 -48.09
C VAL A 246 7.65 1.26 -48.77
N GLY A 247 8.68 1.63 -48.02
CA GLY A 247 9.76 2.41 -48.58
C GLY A 247 9.54 3.90 -48.40
N GLN A 248 10.56 4.70 -48.71
CA GLN A 248 10.46 6.14 -48.56
C GLN A 248 9.57 6.76 -49.63
N TRP A 249 8.65 7.61 -49.21
CA TRP A 249 7.83 8.36 -50.14
C TRP A 249 8.61 9.57 -50.65
N LYS A 250 8.19 10.11 -51.80
CA LYS A 250 8.88 11.25 -52.40
C LYS A 250 8.04 12.52 -52.29
N SER A 251 6.82 12.36 -51.82
CA SER A 251 5.89 13.48 -51.64
C SER A 251 4.66 13.01 -50.86
N GLU A 252 3.76 13.94 -50.56
CA GLU A 252 2.52 13.59 -49.90
C GLU A 252 1.68 12.67 -50.78
N ASP A 253 1.68 12.95 -52.08
CA ASP A 253 1.01 12.11 -53.07
C ASP A 253 1.57 10.68 -53.10
N ASP A 254 2.90 10.58 -53.07
CA ASP A 254 3.57 9.28 -53.07
C ASP A 254 3.23 8.53 -51.78
N LEU A 255 3.13 9.26 -50.68
CA LEU A 255 2.75 8.68 -49.40
C LEU A 255 1.29 8.27 -49.41
N ARG A 256 0.43 9.16 -49.91
CA ARG A 256 -0.99 8.91 -49.99
C ARG A 256 -1.29 7.66 -50.82
N ALA A 257 -0.51 7.47 -51.88
CA ALA A 257 -0.68 6.33 -52.78
C ALA A 257 -0.21 5.02 -52.14
N ARG A 258 0.92 5.06 -51.45
CA ARG A 258 1.48 3.88 -50.81
C ARG A 258 0.59 3.38 -49.67
N VAL A 259 0.05 4.33 -48.89
CA VAL A 259 -0.87 4.02 -47.81
C VAL A 259 -2.16 3.40 -48.36
N ALA A 260 -2.61 3.89 -49.51
CA ALA A 260 -3.81 3.37 -50.14
C ALA A 260 -3.64 1.92 -50.55
N ASN A 261 -2.52 1.62 -51.20
CA ASN A 261 -2.18 0.26 -51.58
C ASN A 261 -2.08 -0.65 -50.35
N LEU A 262 -1.41 -0.14 -49.32
CA LEU A 262 -1.18 -0.89 -48.10
C LEU A 262 -2.48 -1.33 -47.43
N ARG A 263 -3.50 -0.48 -47.51
CA ARG A 263 -4.77 -0.77 -46.85
C ARG A 263 -5.63 -1.77 -47.62
N ALA A 264 -5.55 -1.73 -48.95
CA ALA A 264 -6.32 -2.64 -49.78
C ALA A 264 -5.71 -4.03 -49.78
N GLU A 265 -4.38 -4.09 -49.81
CA GLU A 265 -3.67 -5.37 -49.85
C GLU A 265 -3.66 -6.05 -48.50
N LEU A 266 -4.09 -5.31 -47.47
CA LEU A 266 -4.03 -5.83 -46.10
C LEU A 266 -5.36 -5.76 -45.36
N ASP A 267 -6.44 -5.47 -46.09
CA ASP A 267 -7.79 -5.43 -45.51
CA ASP A 267 -7.79 -5.40 -45.53
C ASP A 267 -7.88 -4.51 -44.29
N ILE A 268 -7.07 -3.46 -44.28
CA ILE A 268 -7.09 -2.49 -43.18
C ILE A 268 -7.91 -1.27 -43.57
N ASP A 269 -8.81 -0.86 -42.68
CA ASP A 269 -9.72 0.25 -42.99
C ASP A 269 -9.02 1.61 -43.02
N ALA A 270 -8.31 1.93 -41.94
CA ALA A 270 -7.65 3.23 -41.83
C ALA A 270 -6.24 3.09 -41.27
N LEU A 271 -5.40 4.08 -41.56
CA LEU A 271 -4.04 4.12 -41.04
C LEU A 271 -3.74 5.48 -40.44
N LEU A 272 -3.34 5.48 -39.17
CA LEU A 272 -2.95 6.71 -38.49
C LEU A 272 -1.44 6.82 -38.44
N LEU A 273 -0.88 7.73 -39.24
CA LEU A 273 0.57 7.91 -39.29
C LEU A 273 1.03 9.03 -38.36
N THR A 274 1.85 8.68 -37.37
CA THR A 274 2.39 9.66 -36.43
C THR A 274 3.73 10.16 -36.94
N ARG A 275 3.88 11.48 -37.07
CA ARG A 275 5.00 12.05 -37.80
C ARG A 275 5.85 13.00 -36.97
N SER A 276 5.73 12.89 -35.64
CA SER A 276 6.47 13.75 -34.72
C SER A 276 6.22 15.20 -35.14
N GLU A 277 7.30 15.95 -35.37
CA GLU A 277 7.21 17.36 -35.73
C GLU A 277 6.19 17.73 -36.81
N GLU A 278 5.85 16.75 -37.65
CA GLU A 278 4.90 16.97 -38.74
C GLU A 278 3.48 16.58 -38.32
N GLY A 279 3.29 16.33 -37.02
CA GLY A 279 1.99 15.97 -36.49
C GLY A 279 1.60 14.53 -36.80
N MET A 280 0.33 14.33 -37.11
CA MET A 280 -0.15 13.01 -37.52
C MET A 280 -1.28 13.11 -38.53
N THR A 281 -1.30 12.17 -39.47
CA THR A 281 -2.27 12.20 -40.56
C THR A 281 -3.06 10.90 -40.65
N LEU A 282 -4.39 11.03 -40.53
CA LEU A 282 -5.29 9.90 -40.67
C LEU A 282 -5.62 9.65 -42.14
N PHE A 283 -5.51 8.39 -42.55
CA PHE A 283 -5.88 8.00 -43.91
C PHE A 283 -7.04 7.01 -43.87
N SER A 284 -8.26 7.52 -43.82
CA SER A 284 -9.44 6.67 -43.79
C SER A 284 -10.10 6.60 -45.17
N ALA A 285 -11.13 5.76 -45.28
CA ALA A 285 -11.86 5.62 -46.53
C ALA A 285 -12.77 6.83 -46.77
N GLY A 286 -13.16 7.49 -45.69
CA GLY A 286 -14.01 8.66 -45.76
C GLY A 286 -13.22 9.94 -45.98
N GLY A 287 -11.93 9.80 -46.27
CA GLY A 287 -11.08 10.95 -46.50
C GLY A 287 -9.88 10.96 -45.57
N GLU A 288 -9.21 12.10 -45.50
CA GLU A 288 -8.04 12.24 -44.66
C GLU A 288 -8.23 13.30 -43.59
N LEU A 289 -7.36 13.28 -42.59
CA LEU A 289 -7.38 14.29 -41.52
C LEU A 289 -5.96 14.52 -41.03
N HIS A 290 -5.59 15.79 -40.86
CA HIS A 290 -4.24 16.12 -40.40
C HIS A 290 -4.27 17.01 -39.17
N ALA A 291 -3.66 16.52 -38.09
CA ALA A 291 -3.52 17.30 -36.87
C ALA A 291 -2.06 17.67 -36.65
N PRO A 292 -1.74 18.95 -36.83
CA PRO A 292 -0.36 19.45 -36.61
C PRO A 292 0.05 19.27 -35.16
N ALA A 293 1.36 19.13 -34.93
CA ALA A 293 1.88 18.95 -33.58
C ALA A 293 1.65 20.20 -32.73
N LEU A 294 0.89 20.04 -31.65
CA LEU A 294 0.53 21.16 -30.79
C LEU A 294 1.62 21.52 -29.77
N ALA A 295 2.50 20.58 -29.47
CA ALA A 295 3.59 20.83 -28.52
C ALA A 295 4.83 21.36 -29.22
N ARG A 296 5.48 22.35 -28.61
CA ARG A 296 6.67 22.94 -29.18
C ARG A 296 7.90 22.36 -28.51
N GLU A 297 7.83 22.16 -27.20
CA GLU A 297 8.94 21.56 -26.47
C GLU A 297 8.73 20.09 -26.17
N VAL A 298 9.69 19.27 -26.57
CA VAL A 298 9.63 17.83 -26.36
C VAL A 298 10.75 17.38 -25.43
N PHE A 299 10.36 16.79 -24.30
CA PHE A 299 11.33 16.45 -23.25
C PHE A 299 11.60 14.94 -23.15
N ASP A 300 10.57 14.13 -23.38
CA ASP A 300 10.72 12.68 -23.39
C ASP A 300 9.57 12.04 -24.15
N VAL A 301 9.91 11.11 -25.04
CA VAL A 301 9.00 10.59 -26.05
C VAL A 301 8.48 9.18 -25.71
N SER A 302 8.75 8.72 -24.49
CA SER A 302 8.22 7.43 -24.07
C SER A 302 6.71 7.50 -23.78
N GLY A 303 5.98 6.52 -24.30
CA GLY A 303 4.55 6.42 -24.05
C GLY A 303 3.74 7.33 -24.94
N ALA A 304 4.42 8.02 -25.85
CA ALA A 304 3.75 8.88 -26.80
C ALA A 304 2.79 8.06 -27.67
N GLY A 305 3.34 7.06 -28.35
CA GLY A 305 2.54 6.17 -29.18
C GLY A 305 1.46 5.45 -28.39
N ASP A 306 1.80 5.04 -27.17
CA ASP A 306 0.85 4.40 -26.27
C ASP A 306 -0.36 5.29 -26.01
N THR A 307 -0.09 6.55 -25.68
CA THR A 307 -1.14 7.52 -25.35
C THR A 307 -2.04 7.81 -26.54
N VAL A 308 -1.45 7.91 -27.73
CA VAL A 308 -2.22 8.18 -28.95
C VAL A 308 -3.26 7.10 -29.24
N ILE A 309 -2.81 5.85 -29.35
CA ILE A 309 -3.72 4.76 -29.68
C ILE A 309 -4.72 4.51 -28.53
N ALA A 310 -4.29 4.74 -27.30
CA ALA A 310 -5.17 4.59 -26.14
C ALA A 310 -6.28 5.64 -26.16
N THR A 311 -5.94 6.86 -26.57
CA THR A 311 -6.92 7.93 -26.63
C THR A 311 -7.97 7.68 -27.70
N VAL A 312 -7.54 7.29 -28.89
CA VAL A 312 -8.46 6.96 -29.97
C VAL A 312 -9.42 5.85 -29.55
N ALA A 313 -8.86 4.79 -28.98
CA ALA A 313 -9.63 3.64 -28.56
C ALA A 313 -10.73 4.00 -27.56
N THR A 314 -10.36 4.67 -26.48
CA THR A 314 -11.30 5.11 -25.47
C THR A 314 -12.39 6.00 -26.07
N MET A 315 -11.99 6.87 -26.98
CA MET A 315 -12.95 7.74 -27.66
C MET A 315 -13.88 6.92 -28.57
N LEU A 316 -13.31 5.99 -29.33
CA LEU A 316 -14.10 5.12 -30.19
C LEU A 316 -15.05 4.27 -29.36
N GLY A 317 -14.58 3.81 -28.20
CA GLY A 317 -15.39 3.02 -27.30
C GLY A 317 -16.55 3.83 -26.75
N ALA A 318 -16.36 5.13 -26.63
CA ALA A 318 -17.41 6.03 -26.15
C ALA A 318 -18.34 6.45 -27.28
N GLY A 319 -18.14 5.86 -28.45
CA GLY A 319 -18.99 6.13 -29.61
C GLY A 319 -18.82 7.52 -30.18
N VAL A 320 -17.59 8.00 -30.21
CA VAL A 320 -17.31 9.31 -30.80
C VAL A 320 -16.59 9.14 -32.14
N PRO A 321 -16.78 10.09 -33.07
CA PRO A 321 -16.21 10.01 -34.42
C PRO A 321 -14.69 9.84 -34.42
N LEU A 322 -14.21 9.01 -35.36
CA LEU A 322 -12.78 8.76 -35.53
C LEU A 322 -12.00 10.04 -35.74
N VAL A 323 -12.59 10.99 -36.45
CA VAL A 323 -11.95 12.27 -36.71
C VAL A 323 -11.68 13.04 -35.42
N ASP A 324 -12.68 13.12 -34.55
CA ASP A 324 -12.51 13.79 -33.27
C ASP A 324 -11.58 12.99 -32.36
N ALA A 325 -11.65 11.66 -32.50
CA ALA A 325 -10.80 10.77 -31.72
C ALA A 325 -9.33 11.02 -32.06
N VAL A 326 -9.05 11.19 -33.35
CA VAL A 326 -7.70 11.46 -33.82
C VAL A 326 -7.17 12.80 -33.32
N VAL A 327 -8.03 13.81 -33.36
CA VAL A 327 -7.67 15.15 -32.88
C VAL A 327 -7.30 15.14 -31.39
N LEU A 328 -8.15 14.51 -30.59
CA LEU A 328 -7.93 14.43 -29.15
C LEU A 328 -6.71 13.57 -28.81
N ALA A 329 -6.43 12.58 -29.64
CA ALA A 329 -5.27 11.73 -29.48
C ALA A 329 -3.98 12.52 -29.65
N ASN A 330 -4.03 13.51 -30.55
CA ASN A 330 -2.90 14.37 -30.83
C ASN A 330 -2.70 15.43 -29.74
N ARG A 331 -3.81 15.91 -29.18
CA ARG A 331 -3.74 16.84 -28.06
C ARG A 331 -3.11 16.13 -26.86
N ALA A 332 -3.53 14.89 -26.63
CA ALA A 332 -2.98 14.08 -25.54
C ALA A 332 -1.50 13.82 -25.76
N ALA A 333 -1.13 13.58 -27.02
CA ALA A 333 0.26 13.28 -27.36
C ALA A 333 1.16 14.49 -27.10
N GLY A 334 0.60 15.68 -27.26
CA GLY A 334 1.33 16.92 -27.05
C GLY A 334 1.56 17.25 -25.59
N ILE A 335 0.79 16.63 -24.70
CA ILE A 335 0.97 16.82 -23.27
C ILE A 335 1.98 15.81 -22.74
N VAL A 336 1.79 14.57 -23.16
CA VAL A 336 2.60 13.44 -22.74
C VAL A 336 4.07 13.58 -23.14
N VAL A 337 4.34 14.32 -24.22
CA VAL A 337 5.72 14.58 -24.64
C VAL A 337 6.47 15.53 -23.71
N GLY A 338 5.79 16.57 -23.24
CA GLY A 338 6.37 17.51 -22.28
C GLY A 338 6.21 16.95 -20.88
N LYS A 339 6.79 15.77 -20.67
CA LYS A 339 6.60 15.03 -19.44
C LYS A 339 7.70 13.97 -19.32
N LEU A 340 8.35 13.91 -18.17
CA LEU A 340 9.44 12.95 -17.97
C LEU A 340 8.94 11.54 -17.70
N GLY A 341 9.47 10.57 -18.44
CA GLY A 341 9.06 9.20 -18.31
C GLY A 341 7.72 8.94 -18.97
N THR A 342 7.22 7.72 -18.84
CA THR A 342 5.92 7.35 -19.38
C THR A 342 4.83 8.03 -18.55
N ALA A 343 3.87 8.66 -19.21
CA ALA A 343 2.87 9.46 -18.51
C ALA A 343 1.44 9.23 -18.98
N THR A 344 0.51 10.00 -18.40
CA THR A 344 -0.90 9.89 -18.71
C THR A 344 -1.53 11.27 -18.70
N VAL A 345 -2.74 11.36 -19.26
CA VAL A 345 -3.45 12.63 -19.28
C VAL A 345 -4.86 12.42 -18.73
N ASP A 346 -5.41 13.44 -18.09
CA ASP A 346 -6.78 13.38 -17.63
C ASP A 346 -7.71 13.93 -18.70
N TYR A 347 -9.01 13.80 -18.49
CA TYR A 347 -9.97 14.25 -19.48
C TYR A 347 -9.96 15.78 -19.65
N ASP A 348 -9.82 16.51 -18.54
CA ASP A 348 -9.83 17.96 -18.59
C ASP A 348 -8.62 18.53 -19.32
N GLU A 349 -7.47 17.89 -19.17
CA GLU A 349 -6.24 18.34 -19.81
C GLU A 349 -6.36 18.38 -21.34
N LEU A 350 -7.23 17.55 -21.87
CA LEU A 350 -7.49 17.53 -23.31
C LEU A 350 -8.20 18.81 -23.76
N PRO B 45 -7.24 23.01 29.62
CA PRO B 45 -7.13 22.80 28.19
C PRO B 45 -5.68 22.94 27.69
N VAL B 46 -5.19 21.91 27.01
CA VAL B 46 -3.82 21.88 26.52
C VAL B 46 -3.79 22.19 25.03
N PRO B 47 -3.09 23.24 24.61
CA PRO B 47 -3.00 23.60 23.20
C PRO B 47 -2.30 22.50 22.39
N ARG B 48 -2.78 22.24 21.18
CA ARG B 48 -2.20 21.21 20.32
C ARG B 48 -0.70 21.43 20.14
N GLU B 49 -0.30 22.70 20.18
CA GLU B 49 1.10 23.09 20.10
C GLU B 49 1.90 22.51 21.28
N GLN B 50 1.23 22.34 22.41
CA GLN B 50 1.86 21.80 23.60
C GLN B 50 1.95 20.27 23.53
N LEU B 51 0.87 19.63 23.05
CA LEU B 51 0.89 18.17 22.88
C LEU B 51 1.78 17.75 21.71
N ALA B 52 1.99 18.67 20.76
CA ALA B 52 2.79 18.35 19.59
C ALA B 52 4.21 17.93 19.95
N ARG B 53 4.76 18.54 20.99
CA ARG B 53 6.14 18.26 21.39
C ARG B 53 6.23 17.22 22.50
N SER B 54 5.13 16.51 22.74
CA SER B 54 5.11 15.42 23.70
C SER B 54 5.69 14.16 23.06
N ARG B 55 6.75 13.63 23.65
CA ARG B 55 7.42 12.47 23.12
C ARG B 55 7.33 11.28 24.06
N VAL B 56 6.53 10.29 23.71
CA VAL B 56 6.33 9.12 24.55
C VAL B 56 7.11 7.93 24.03
N LEU B 57 7.95 7.35 24.87
CA LEU B 57 8.67 6.14 24.49
C LEU B 57 7.96 4.93 25.05
N VAL B 58 7.24 4.23 24.18
CA VAL B 58 6.56 2.99 24.56
C VAL B 58 7.53 1.83 24.42
N VAL B 59 7.68 1.05 25.48
CA VAL B 59 8.53 -0.13 25.44
C VAL B 59 7.75 -1.35 25.92
N GLY B 60 7.85 -2.45 25.18
CA GLY B 60 7.27 -3.70 25.66
C GLY B 60 6.86 -4.71 24.62
N ASP B 61 5.91 -5.56 25.02
CA ASP B 61 5.44 -6.67 24.20
C ASP B 61 4.42 -6.23 23.16
N VAL B 62 4.73 -6.51 21.91
CA VAL B 62 3.87 -6.16 20.78
C VAL B 62 3.28 -7.44 20.17
N MET B 63 2.02 -7.37 19.77
CA MET B 63 1.36 -8.53 19.17
C MET B 63 0.38 -8.12 18.08
N LEU B 64 0.02 -9.08 17.23
CA LEU B 64 -1.00 -8.85 16.22
C LEU B 64 -2.28 -9.59 16.60
N ASP B 65 -3.41 -8.89 16.60
CA ASP B 65 -4.70 -9.49 16.87
C ASP B 65 -5.38 -9.85 15.56
N ARG B 66 -5.34 -11.14 15.20
CA ARG B 66 -5.91 -11.59 13.93
C ARG B 66 -7.18 -12.41 14.15
N TYR B 67 -8.15 -12.25 13.26
CA TYR B 67 -9.45 -12.89 13.38
C TYR B 67 -9.88 -13.58 12.09
N TRP B 68 -10.25 -14.85 12.18
CA TRP B 68 -10.82 -15.56 11.04
C TRP B 68 -12.32 -15.81 11.22
N PHE B 69 -13.12 -15.28 10.29
CA PHE B 69 -14.56 -15.48 10.32
C PHE B 69 -14.95 -16.44 9.20
N GLY B 70 -15.60 -17.53 9.57
CA GLY B 70 -15.98 -18.54 8.59
C GLY B 70 -17.30 -19.22 8.90
N ASN B 71 -17.62 -20.25 8.14
CA ASN B 71 -18.85 -21.00 8.35
C ASN B 71 -18.59 -22.45 8.73
N VAL B 72 -19.48 -23.01 9.54
CA VAL B 72 -19.38 -24.40 9.96
C VAL B 72 -20.65 -25.16 9.62
N ASP B 73 -20.53 -26.16 8.75
CA ASP B 73 -21.67 -26.92 8.29
C ASP B 73 -21.44 -28.43 8.38
N ARG B 74 -20.19 -28.82 8.65
CA ARG B 74 -19.84 -30.24 8.66
C ARG B 74 -18.84 -30.62 9.74
N ILE B 75 -18.71 -31.92 9.97
CA ILE B 75 -17.72 -32.46 10.88
C ILE B 75 -16.60 -33.08 10.04
N SER B 76 -15.35 -32.91 10.47
CA SER B 76 -14.21 -33.54 9.82
C SER B 76 -14.37 -35.05 9.84
N PRO B 77 -13.98 -35.72 8.75
CA PRO B 77 -13.99 -37.19 8.70
C PRO B 77 -12.75 -37.79 9.35
N GLU B 78 -11.87 -36.93 9.88
CA GLU B 78 -10.66 -37.37 10.56
C GLU B 78 -10.84 -37.39 12.08
N ALA B 79 -11.74 -36.55 12.57
CA ALA B 79 -11.93 -36.36 14.02
C ALA B 79 -13.29 -35.74 14.31
N PRO B 80 -13.88 -36.06 15.47
CA PRO B 80 -15.20 -35.53 15.84
C PRO B 80 -15.12 -34.05 16.13
N VAL B 81 -14.90 -33.25 15.10
CA VAL B 81 -14.51 -31.87 15.26
C VAL B 81 -15.07 -31.03 14.11
N PRO B 82 -15.48 -29.79 14.39
CA PRO B 82 -16.04 -28.94 13.32
C PRO B 82 -15.02 -28.57 12.24
N VAL B 83 -15.50 -28.42 11.01
CA VAL B 83 -14.69 -27.87 9.93
C VAL B 83 -15.13 -26.43 9.71
N VAL B 84 -14.16 -25.51 9.71
CA VAL B 84 -14.44 -24.09 9.50
C VAL B 84 -13.98 -23.64 8.13
N HIS B 85 -14.91 -23.16 7.31
CA HIS B 85 -14.56 -22.59 6.02
C HIS B 85 -14.45 -21.07 6.12
N VAL B 86 -13.23 -20.56 6.28
CA VAL B 86 -13.00 -19.13 6.51
C VAL B 86 -13.33 -18.27 5.29
N GLN B 87 -14.14 -17.24 5.53
CA GLN B 87 -14.55 -16.34 4.44
C GLN B 87 -13.92 -14.96 4.55
N ARG B 88 -13.44 -14.61 5.74
CA ARG B 88 -12.98 -13.25 6.02
C ARG B 88 -11.91 -13.20 7.12
N GLN B 89 -10.90 -12.37 6.91
CA GLN B 89 -9.88 -12.13 7.93
C GLN B 89 -9.87 -10.67 8.36
N GLU B 90 -9.72 -10.43 9.67
CA GLU B 90 -9.51 -9.08 10.17
C GLU B 90 -8.30 -9.06 11.10
N GLU B 91 -7.61 -7.93 11.16
CA GLU B 91 -6.43 -7.82 12.01
C GLU B 91 -6.17 -6.38 12.46
N ARG B 92 -5.55 -6.25 13.62
CA ARG B 92 -5.24 -4.95 14.19
C ARG B 92 -4.00 -5.05 15.09
N LEU B 93 -3.38 -3.90 15.34
CA LEU B 93 -2.27 -3.82 16.29
C LEU B 93 -2.74 -4.19 17.70
N GLY B 94 -1.90 -4.93 18.42
CA GLY B 94 -2.21 -5.31 19.78
C GLY B 94 -1.07 -5.03 20.74
N GLY B 95 -1.35 -5.12 22.03
CA GLY B 95 -0.35 -4.92 23.06
C GLY B 95 0.26 -3.52 23.04
N ALA B 96 1.58 -3.46 23.10
CA ALA B 96 2.29 -2.18 23.14
C ALA B 96 2.05 -1.37 21.87
N ALA B 97 1.83 -2.07 20.77
CA ALA B 97 1.64 -1.44 19.47
C ALA B 97 0.36 -0.60 19.42
N ASN B 98 -0.66 -1.03 20.16
CA ASN B 98 -1.91 -0.28 20.23
C ASN B 98 -1.85 0.81 21.30
N VAL B 99 -0.96 0.65 22.27
CA VAL B 99 -0.71 1.71 23.22
C VAL B 99 -0.02 2.88 22.52
N ALA B 100 1.02 2.57 21.76
CA ALA B 100 1.77 3.58 21.01
C ALA B 100 0.88 4.27 19.98
N ARG B 101 0.02 3.49 19.34
CA ARG B 101 -0.94 4.02 18.38
C ARG B 101 -1.84 5.07 19.01
N ASN B 102 -2.26 4.80 20.25
CA ASN B 102 -3.09 5.74 21.00
C ASN B 102 -2.39 7.02 21.39
N ALA B 103 -1.08 6.94 21.63
CA ALA B 103 -0.32 8.08 22.13
C ALA B 103 -0.04 9.14 21.06
N VAL B 104 -0.49 8.89 19.84
CA VAL B 104 -0.22 9.76 18.71
C VAL B 104 -1.49 10.47 18.24
N THR B 105 -2.63 9.80 18.42
CA THR B 105 -3.91 10.27 17.88
C THR B 105 -4.33 11.65 18.38
N LEU B 106 -3.83 12.05 19.54
CA LEU B 106 -4.18 13.34 20.12
C LEU B 106 -3.18 14.43 19.77
N GLY B 107 -2.18 14.09 18.96
CA GLY B 107 -1.24 15.07 18.45
C GLY B 107 0.20 14.86 18.89
N GLY B 108 0.40 13.96 19.84
CA GLY B 108 1.73 13.69 20.35
C GLY B 108 2.56 12.81 19.44
N GLN B 109 3.82 12.61 19.80
CA GLN B 109 4.70 11.72 19.06
C GLN B 109 5.08 10.52 19.92
N ALA B 110 4.99 9.33 19.35
CA ALA B 110 5.32 8.11 20.09
C ALA B 110 6.38 7.27 19.39
N GLY B 111 7.36 6.81 20.15
CA GLY B 111 8.33 5.86 19.65
C GLY B 111 8.00 4.50 20.23
N LEU B 112 8.25 3.45 19.46
CA LEU B 112 7.95 2.09 19.93
C LEU B 112 9.18 1.19 19.91
N LEU B 113 9.65 0.84 21.09
CA LEU B 113 10.79 -0.06 21.25
C LEU B 113 10.32 -1.45 21.65
N CYS B 114 10.50 -2.42 20.74
CA CYS B 114 10.03 -3.77 20.95
C CYS B 114 10.82 -4.76 20.12
N VAL B 115 10.49 -6.04 20.26
CA VAL B 115 11.12 -7.12 19.50
C VAL B 115 10.08 -7.80 18.64
N VAL B 116 10.44 -8.06 17.39
CA VAL B 116 9.52 -8.61 16.41
C VAL B 116 10.25 -9.66 15.58
N GLY B 117 9.56 -10.72 15.18
CA GLY B 117 10.17 -11.77 14.37
C GLY B 117 10.35 -11.36 12.92
N CYS B 118 11.02 -12.21 12.14
CA CYS B 118 11.20 -11.95 10.72
C CYS B 118 10.19 -12.72 9.88
N ASP B 119 8.92 -12.58 10.23
CA ASP B 119 7.84 -13.30 9.57
C ASP B 119 6.77 -12.34 9.07
N GLU B 120 5.73 -12.88 8.44
CA GLU B 120 4.64 -12.08 7.89
C GLU B 120 3.87 -11.24 8.93
N PRO B 121 3.52 -11.82 10.09
CA PRO B 121 2.84 -10.96 11.08
C PRO B 121 3.75 -9.82 11.56
N GLY B 122 5.06 -10.05 11.49
CA GLY B 122 6.02 -9.02 11.86
C GLY B 122 6.00 -7.90 10.84
N GLU B 123 5.84 -8.28 9.58
CA GLU B 123 5.76 -7.32 8.49
C GLU B 123 4.44 -6.54 8.55
N ARG B 124 3.38 -7.21 8.99
CA ARG B 124 2.07 -6.57 9.11
C ARG B 124 2.06 -5.51 10.20
N ILE B 125 2.72 -5.79 11.31
CA ILE B 125 2.83 -4.81 12.39
C ILE B 125 3.61 -3.60 11.91
N VAL B 126 4.73 -3.84 11.24
CA VAL B 126 5.53 -2.76 10.67
C VAL B 126 4.68 -1.90 9.71
N GLU B 127 3.89 -2.56 8.86
CA GLU B 127 2.99 -1.86 7.96
C GLU B 127 1.96 -1.03 8.72
N LEU B 128 1.38 -1.63 9.75
CA LEU B 128 0.35 -0.97 10.54
C LEU B 128 0.91 0.16 11.39
N LEU B 129 2.13 0.00 11.88
CA LEU B 129 2.76 1.05 12.66
C LEU B 129 2.98 2.29 11.81
N GLY B 130 3.43 2.06 10.57
CA GLY B 130 3.74 3.13 9.65
C GLY B 130 2.55 4.01 9.35
N SER B 131 1.39 3.40 9.18
CA SER B 131 0.18 4.13 8.84
C SER B 131 -0.49 4.75 10.07
N SER B 132 0.15 4.57 11.23
CA SER B 132 -0.42 5.09 12.48
C SER B 132 0.40 6.24 13.05
N GLY B 133 1.47 6.62 12.37
CA GLY B 133 2.31 7.72 12.80
C GLY B 133 3.18 7.39 14.00
N VAL B 134 3.49 6.11 14.18
CA VAL B 134 4.34 5.70 15.29
C VAL B 134 5.76 5.41 14.81
N THR B 135 6.74 6.12 15.38
CA THR B 135 8.14 5.86 15.05
C THR B 135 8.57 4.51 15.62
N PRO B 136 8.90 3.56 14.73
CA PRO B 136 9.26 2.21 15.16
C PRO B 136 10.73 2.12 15.56
N HIS B 137 11.01 1.30 16.58
CA HIS B 137 12.38 1.02 16.99
C HIS B 137 12.44 -0.46 17.32
N LEU B 138 12.38 -1.27 16.28
CA LEU B 138 12.16 -2.70 16.42
C LEU B 138 13.44 -3.49 16.30
N GLU B 139 13.65 -4.38 17.27
CA GLU B 139 14.71 -5.38 17.15
C GLU B 139 14.12 -6.56 16.39
N ARG B 140 14.92 -7.23 15.58
CA ARG B 140 14.41 -8.36 14.80
C ARG B 140 15.15 -9.65 15.09
N ASP B 141 14.39 -10.64 15.55
CA ASP B 141 14.91 -11.95 15.90
C ASP B 141 14.33 -12.96 14.92
N PRO B 142 15.16 -13.47 14.00
CA PRO B 142 14.72 -14.47 13.02
C PRO B 142 14.30 -15.80 13.65
N ALA B 143 14.72 -16.06 14.88
CA ALA B 143 14.35 -17.30 15.57
C ALA B 143 13.07 -17.13 16.39
N LEU B 144 12.57 -15.90 16.47
CA LEU B 144 11.37 -15.60 17.25
C LEU B 144 10.13 -15.47 16.38
N PRO B 145 9.05 -16.16 16.76
CA PRO B 145 7.78 -15.94 16.09
C PRO B 145 7.14 -14.66 16.61
N THR B 146 6.77 -13.75 15.71
CA THR B 146 6.09 -12.53 16.12
C THR B 146 4.80 -12.93 16.82
N THR B 147 4.58 -12.35 17.99
CA THR B 147 3.42 -12.71 18.79
C THR B 147 2.14 -12.36 18.04
N ILE B 148 1.25 -13.34 17.92
CA ILE B 148 -0.01 -13.15 17.21
C ILE B 148 -1.12 -13.98 17.84
N LYS B 149 -2.22 -13.31 18.17
CA LYS B 149 -3.39 -13.95 18.75
C LYS B 149 -4.45 -14.16 17.68
N LEU B 150 -4.67 -15.41 17.30
CA LEU B 150 -5.59 -15.70 16.20
C LEU B 150 -6.90 -16.31 16.70
N ARG B 151 -7.99 -15.56 16.54
CA ARG B 151 -9.32 -16.04 16.91
C ARG B 151 -10.03 -16.62 15.70
N VAL B 152 -10.61 -17.80 15.86
CA VAL B 152 -11.40 -18.42 14.81
C VAL B 152 -12.87 -18.44 15.22
N LEU B 153 -13.72 -17.87 14.38
CA LEU B 153 -15.14 -17.72 14.71
C LEU B 153 -16.07 -18.28 13.64
N ALA B 154 -17.31 -18.54 14.04
CA ALA B 154 -18.40 -18.90 13.14
C ALA B 154 -19.71 -18.66 13.88
N ARG B 155 -20.73 -18.20 13.15
CA ARG B 155 -22.02 -17.85 13.74
CA ARG B 155 -22.01 -17.87 13.75
C ARG B 155 -21.87 -16.85 14.88
N GLN B 156 -20.94 -15.90 14.71
CA GLN B 156 -20.70 -14.85 15.70
C GLN B 156 -20.24 -15.35 17.07
N GLN B 157 -19.51 -16.48 17.08
CA GLN B 157 -18.97 -17.00 18.32
C GLN B 157 -17.62 -17.69 18.10
N GLN B 158 -16.73 -17.58 19.08
CA GLN B 158 -15.38 -18.13 18.97
C GLN B 158 -15.32 -19.64 19.17
N LEU B 159 -14.54 -20.30 18.33
CA LEU B 159 -14.35 -21.74 18.43
C LEU B 159 -12.96 -22.07 18.96
N LEU B 160 -12.01 -21.19 18.72
CA LEU B 160 -10.61 -21.44 19.09
C LEU B 160 -9.77 -20.17 19.08
N ARG B 161 -8.83 -20.06 20.01
CA ARG B 161 -7.78 -19.04 19.90
C ARG B 161 -6.44 -19.71 19.68
N VAL B 162 -5.76 -19.31 18.62
CA VAL B 162 -4.48 -19.89 18.26
C VAL B 162 -3.38 -18.87 18.52
N ASP B 163 -2.38 -19.29 19.28
CA ASP B 163 -1.30 -18.39 19.68
C ASP B 163 0.06 -18.80 19.11
N PHE B 164 0.82 -17.81 18.66
CA PHE B 164 2.22 -18.00 18.30
C PHE B 164 3.00 -16.95 19.07
N GLU B 165 3.98 -17.40 19.86
CA GLU B 165 4.81 -16.50 20.66
C GLU B 165 5.99 -17.24 21.25
N ALA B 166 7.06 -16.52 21.57
CA ALA B 166 8.19 -17.10 22.26
C ALA B 166 8.99 -16.05 23.01
N MET B 167 10.18 -16.43 23.46
CA MET B 167 11.06 -15.54 24.18
C MET B 167 12.15 -15.01 23.25
N PRO B 168 12.33 -13.68 23.22
CA PRO B 168 13.47 -13.13 22.47
C PRO B 168 14.76 -13.61 23.11
N THR B 169 15.80 -13.77 22.31
CA THR B 169 17.06 -14.31 22.81
C THR B 169 17.81 -13.31 23.68
N HIS B 170 18.87 -13.78 24.33
CA HIS B 170 19.64 -12.95 25.25
C HIS B 170 20.31 -11.74 24.57
N GLU B 171 20.96 -11.99 23.44
CA GLU B 171 21.66 -10.93 22.73
C GLU B 171 20.72 -9.92 22.07
N VAL B 172 19.56 -10.37 21.62
CA VAL B 172 18.55 -9.46 21.07
C VAL B 172 18.02 -8.51 22.15
N LEU B 173 17.78 -9.05 23.34
CA LEU B 173 17.27 -8.24 24.46
C LEU B 173 18.28 -7.20 24.96
N LEU B 174 19.57 -7.52 24.88
CA LEU B 174 20.60 -6.57 25.29
C LEU B 174 20.84 -5.52 24.21
N ALA B 175 20.64 -5.90 22.95
CA ALA B 175 20.69 -4.96 21.85
C ALA B 175 19.55 -3.96 22.00
N GLY B 176 18.38 -4.46 22.40
CA GLY B 176 17.23 -3.61 22.64
C GLY B 176 17.42 -2.69 23.82
N LEU B 177 18.15 -3.15 24.82
CA LEU B 177 18.46 -2.32 25.99
C LEU B 177 19.41 -1.20 25.62
N ALA B 178 20.27 -1.46 24.65
CA ALA B 178 21.18 -0.44 24.15
C ALA B 178 20.40 0.64 23.40
N ARG B 179 19.42 0.21 22.62
CA ARG B 179 18.55 1.15 21.90
C ARG B 179 17.85 2.07 22.89
N PHE B 180 17.36 1.49 23.98
CA PHE B 180 16.71 2.25 25.04
C PHE B 180 17.58 3.41 25.53
N ASP B 181 18.86 3.12 25.77
CA ASP B 181 19.81 4.14 26.23
C ASP B 181 19.92 5.30 25.26
N VAL B 182 19.77 4.99 23.97
CA VAL B 182 19.85 5.98 22.91
C VAL B 182 18.57 6.80 22.82
N LEU B 183 17.44 6.11 22.90
CA LEU B 183 16.13 6.71 22.71
C LEU B 183 15.70 7.55 23.90
N LEU B 184 16.08 7.09 25.09
CA LEU B 184 15.70 7.73 26.35
C LEU B 184 15.82 9.26 26.36
N PRO B 185 16.99 9.81 25.98
CA PRO B 185 17.10 11.27 26.03
C PRO B 185 16.30 11.96 24.93
N GLN B 186 15.77 11.20 23.98
CA GLN B 186 15.01 11.76 22.87
C GLN B 186 13.51 11.77 23.14
N HIS B 187 13.12 11.34 24.34
CA HIS B 187 11.71 11.31 24.71
C HIS B 187 11.44 11.96 26.06
N ASP B 188 10.17 12.29 26.31
CA ASP B 188 9.79 13.00 27.53
C ASP B 188 9.35 12.05 28.64
N VAL B 189 8.69 10.96 28.27
CA VAL B 189 8.18 10.00 29.24
C VAL B 189 8.31 8.57 28.69
N VAL B 190 8.52 7.61 29.59
CA VAL B 190 8.69 6.22 29.19
C VAL B 190 7.50 5.36 29.65
N LEU B 191 6.95 4.59 28.73
CA LEU B 191 5.77 3.78 29.01
C LEU B 191 6.09 2.29 28.89
N MET B 192 5.90 1.55 29.97
CA MET B 192 6.15 0.12 29.96
C MET B 192 4.87 -0.68 29.73
N SER B 193 4.80 -1.38 28.61
CA SER B 193 3.63 -2.17 28.27
C SER B 193 3.97 -3.65 28.37
N ASP B 194 3.60 -4.26 29.49
CA ASP B 194 4.03 -5.62 29.80
C ASP B 194 2.95 -6.67 29.50
N TYR B 195 3.37 -7.77 28.88
CA TYR B 195 2.50 -8.91 28.60
C TYR B 195 3.20 -10.23 28.88
N ALA B 196 4.32 -10.16 29.60
CA ALA B 196 5.11 -11.33 29.95
C ALA B 196 5.55 -12.15 28.73
N LYS B 197 5.94 -11.47 27.66
CA LYS B 197 6.39 -12.15 26.44
C LYS B 197 7.92 -12.12 26.32
N GLY B 198 8.57 -11.42 27.23
CA GLY B 198 10.02 -11.37 27.27
C GLY B 198 10.62 -10.01 26.91
N GLY B 199 9.84 -9.18 26.22
CA GLY B 199 10.29 -7.88 25.77
C GLY B 199 10.68 -6.94 26.90
N LEU B 200 10.10 -7.16 28.08
CA LEU B 200 10.40 -6.34 29.25
C LEU B 200 11.19 -7.12 30.30
N THR B 201 12.13 -7.94 29.83
CA THR B 201 13.01 -8.71 30.70
C THR B 201 13.92 -7.80 31.50
N HIS B 202 14.14 -6.59 30.99
CA HIS B 202 15.03 -5.63 31.63
C HIS B 202 14.31 -4.36 32.09
N VAL B 203 13.10 -4.50 32.62
CA VAL B 203 12.36 -3.33 33.08
C VAL B 203 13.08 -2.62 34.21
N THR B 204 13.59 -3.40 35.16
CA THR B 204 14.22 -2.85 36.35
C THR B 204 15.36 -1.89 35.99
N THR B 205 16.28 -2.35 35.15
CA THR B 205 17.39 -1.54 34.71
C THR B 205 16.91 -0.31 33.93
N MET B 206 15.95 -0.54 33.03
CA MET B 206 15.35 0.55 32.25
C MET B 206 14.73 1.61 33.15
N ILE B 207 14.04 1.17 34.19
CA ILE B 207 13.43 2.09 35.15
C ILE B 207 14.49 2.92 35.87
N GLU B 208 15.54 2.26 36.35
CA GLU B 208 16.66 2.96 36.98
C GLU B 208 17.27 3.99 36.04
N LYS B 209 17.43 3.60 34.78
CA LYS B 209 18.00 4.48 33.77
C LYS B 209 17.13 5.70 33.52
N ALA B 210 15.84 5.47 33.31
CA ALA B 210 14.92 6.55 32.99
C ALA B 210 14.72 7.50 34.18
N ARG B 211 14.79 6.94 35.38
CA ARG B 211 14.64 7.72 36.60
C ARG B 211 15.85 8.62 36.82
N ALA B 212 17.04 8.08 36.55
CA ALA B 212 18.29 8.83 36.70
C ALA B 212 18.35 10.04 35.77
N ALA B 213 17.61 9.97 34.66
CA ALA B 213 17.59 11.06 33.70
C ALA B 213 16.42 12.01 33.96
N GLY B 214 15.65 11.72 35.01
CA GLY B 214 14.52 12.56 35.38
C GLY B 214 13.34 12.42 34.43
N LYS B 215 13.17 11.21 33.89
CA LYS B 215 12.05 10.90 33.02
C LYS B 215 11.06 10.01 33.74
N ALA B 216 9.78 10.40 33.71
CA ALA B 216 8.73 9.61 34.33
C ALA B 216 8.63 8.24 33.68
N VAL B 217 8.29 7.22 34.48
CA VAL B 217 8.12 5.87 33.96
C VAL B 217 6.75 5.31 34.34
N LEU B 218 5.91 5.08 33.33
CA LEU B 218 4.59 4.51 33.53
C LEU B 218 4.64 3.00 33.29
N VAL B 219 3.87 2.24 34.07
CA VAL B 219 3.89 0.80 33.98
C VAL B 219 2.51 0.17 33.85
N ASP B 220 2.33 -0.64 32.80
CA ASP B 220 1.12 -1.43 32.64
C ASP B 220 1.44 -2.87 33.01
N PRO B 221 1.02 -3.30 34.22
CA PRO B 221 1.57 -4.50 34.86
C PRO B 221 1.08 -5.82 34.28
N LYS B 222 1.79 -6.89 34.64
CA LYS B 222 1.40 -8.26 34.31
C LYS B 222 1.93 -9.21 35.38
N GLY B 223 1.06 -10.07 35.88
CA GLY B 223 1.46 -11.07 36.85
C GLY B 223 1.42 -10.54 38.27
N ASP B 224 2.28 -11.11 39.12
CA ASP B 224 2.28 -10.76 40.54
C ASP B 224 3.61 -10.15 41.00
N ASP B 225 4.71 -10.70 40.50
CA ASP B 225 6.02 -10.16 40.83
C ASP B 225 6.11 -8.73 40.32
N TRP B 226 5.82 -7.77 41.20
CA TRP B 226 5.90 -6.37 40.84
C TRP B 226 7.18 -5.75 41.38
N ALA B 227 8.04 -6.58 41.94
CA ALA B 227 9.35 -6.13 42.41
C ALA B 227 10.20 -5.62 41.24
N ARG B 228 9.88 -6.08 40.03
CA ARG B 228 10.57 -5.62 38.83
C ARG B 228 10.16 -4.20 38.45
N TYR B 229 9.06 -3.72 39.01
CA TYR B 229 8.54 -2.41 38.65
C TYR B 229 8.95 -1.32 39.64
N ARG B 230 9.93 -1.62 40.49
CA ARG B 230 10.32 -0.67 41.52
C ARG B 230 10.97 0.58 40.93
N GLY B 231 10.58 1.74 41.46
CA GLY B 231 11.09 3.01 40.98
C GLY B 231 10.19 3.67 39.97
N ALA B 232 9.12 2.97 39.58
CA ALA B 232 8.18 3.50 38.60
C ALA B 232 7.40 4.72 39.13
N SER B 233 7.17 5.70 38.26
CA SER B 233 6.43 6.88 38.63
C SER B 233 4.96 6.53 38.81
N LEU B 234 4.45 5.71 37.89
CA LEU B 234 3.04 5.36 37.90
C LEU B 234 2.85 3.92 37.46
N ILE B 235 1.99 3.19 38.17
CA ILE B 235 1.62 1.85 37.75
C ILE B 235 0.09 1.82 37.62
N THR B 236 -0.40 1.09 36.62
CA THR B 236 -1.81 1.19 36.24
C THR B 236 -2.53 -0.15 36.14
N PRO B 237 -2.76 -0.81 37.28
CA PRO B 237 -3.48 -2.09 37.26
C PRO B 237 -4.99 -1.89 37.33
N ASN B 238 -5.74 -2.92 36.92
CA ASN B 238 -7.16 -2.95 37.18
C ASN B 238 -7.42 -3.64 38.51
N ARG B 239 -8.69 -3.83 38.86
CA ARG B 239 -9.04 -4.46 40.12
C ARG B 239 -8.57 -5.91 40.19
N ALA B 240 -8.71 -6.64 39.09
CA ALA B 240 -8.32 -8.04 39.04
C ALA B 240 -6.81 -8.21 39.25
N GLU B 241 -6.04 -7.36 38.58
CA GLU B 241 -4.59 -7.41 38.64
C GLU B 241 -4.05 -7.04 40.02
N LEU B 242 -4.75 -6.14 40.71
CA LEU B 242 -4.32 -5.68 42.02
C LEU B 242 -4.62 -6.69 43.13
N ARG B 243 -5.70 -7.45 42.98
CA ARG B 243 -6.09 -8.45 43.98
C ARG B 243 -5.02 -9.52 44.16
N GLU B 244 -4.28 -9.81 43.09
CA GLU B 244 -3.32 -10.91 43.09
C GLU B 244 -2.01 -10.56 43.80
N VAL B 245 -1.80 -9.28 44.10
CA VAL B 245 -0.58 -8.88 44.78
C VAL B 245 -0.83 -8.45 46.23
N VAL B 246 -2.00 -7.88 46.50
CA VAL B 246 -2.30 -7.35 47.82
C VAL B 246 -3.43 -8.07 48.54
N GLY B 247 -4.20 -8.87 47.81
CA GLY B 247 -5.36 -9.54 48.37
C GLY B 247 -6.61 -8.69 48.21
N GLN B 248 -7.76 -9.30 48.45
CA GLN B 248 -9.03 -8.57 48.31
C GLN B 248 -9.29 -7.66 49.51
N TRP B 249 -9.47 -6.37 49.23
CA TRP B 249 -9.72 -5.39 50.27
C TRP B 249 -11.15 -5.53 50.81
N LYS B 250 -11.42 -4.87 51.93
CA LYS B 250 -12.72 -4.99 52.58
C LYS B 250 -13.46 -3.65 52.59
N SER B 251 -12.70 -2.57 52.52
CA SER B 251 -13.26 -1.23 52.41
C SER B 251 -12.31 -0.39 51.56
N GLU B 252 -12.73 0.82 51.23
CA GLU B 252 -11.87 1.74 50.49
C GLU B 252 -10.66 2.10 51.34
N ASP B 253 -10.88 2.18 52.65
CA ASP B 253 -9.80 2.41 53.62
C ASP B 253 -8.84 1.24 53.61
N ASP B 254 -9.39 0.03 53.54
CA ASP B 254 -8.58 -1.18 53.49
C ASP B 254 -7.77 -1.20 52.19
N LEU B 255 -8.43 -0.82 51.10
CA LEU B 255 -7.76 -0.73 49.81
C LEU B 255 -6.70 0.36 49.80
N ARG B 256 -7.04 1.53 50.35
CA ARG B 256 -6.10 2.64 50.38
C ARG B 256 -4.88 2.29 51.23
N ALA B 257 -5.07 1.44 52.22
CA ALA B 257 -3.99 1.01 53.09
C ALA B 257 -3.09 0.00 52.39
N ARG B 258 -3.71 -0.88 51.59
CA ARG B 258 -2.98 -1.90 50.85
C ARG B 258 -2.12 -1.30 49.73
N VAL B 259 -2.64 -0.31 49.03
CA VAL B 259 -1.89 0.34 47.96
C VAL B 259 -0.80 1.25 48.53
N ALA B 260 -1.09 1.88 49.67
CA ALA B 260 -0.12 2.77 50.32
C ALA B 260 1.10 1.97 50.74
N ASN B 261 0.85 0.80 51.32
CA ASN B 261 1.92 -0.12 51.69
C ASN B 261 2.63 -0.68 50.45
N LEU B 262 1.87 -0.88 49.38
CA LEU B 262 2.41 -1.43 48.15
C LEU B 262 3.36 -0.43 47.49
N ARG B 263 2.98 0.84 47.52
CA ARG B 263 3.79 1.89 46.89
C ARG B 263 5.07 2.14 47.67
N ALA B 264 4.96 2.18 48.98
CA ALA B 264 6.12 2.40 49.85
C ALA B 264 7.12 1.27 49.73
N GLU B 265 6.60 0.05 49.61
CA GLU B 265 7.43 -1.15 49.53
C GLU B 265 8.18 -1.25 48.21
N LEU B 266 7.49 -0.92 47.12
CA LEU B 266 8.05 -1.05 45.79
C LEU B 266 8.62 0.25 45.24
N ASP B 267 8.71 1.27 46.10
CA ASP B 267 9.28 2.56 45.71
C ASP B 267 8.59 3.14 44.47
N ILE B 268 7.27 2.97 44.40
CA ILE B 268 6.46 3.49 43.30
C ILE B 268 5.67 4.72 43.77
N ASP B 269 5.78 5.81 43.01
CA ASP B 269 5.21 7.10 43.40
C ASP B 269 3.68 7.10 43.48
N ALA B 270 3.03 6.71 42.39
CA ALA B 270 1.58 6.72 42.33
C ALA B 270 1.03 5.46 41.68
N LEU B 271 -0.19 5.11 42.03
CA LEU B 271 -0.87 3.96 41.45
C LEU B 271 -2.22 4.38 40.90
N LEU B 272 -2.46 4.11 39.62
CA LEU B 272 -3.74 4.40 39.00
C LEU B 272 -4.56 3.12 38.94
N LEU B 273 -5.63 3.08 39.72
CA LEU B 273 -6.50 1.92 39.74
C LEU B 273 -7.69 2.11 38.81
N THR B 274 -7.74 1.32 37.76
CA THR B 274 -8.90 1.32 36.88
C THR B 274 -9.92 0.33 37.44
N ARG B 275 -11.18 0.76 37.52
CA ARG B 275 -12.21 -0.04 38.17
C ARG B 275 -13.51 -0.08 37.37
N SER B 276 -13.39 -0.05 36.05
CA SER B 276 -14.53 -0.18 35.15
C SER B 276 -15.67 0.70 35.69
N GLU B 277 -16.82 0.07 35.94
CA GLU B 277 -18.01 0.79 36.40
C GLU B 277 -17.80 1.77 37.56
N GLU B 278 -16.76 1.54 38.36
CA GLU B 278 -16.46 2.41 39.49
C GLU B 278 -15.52 3.55 39.09
N GLY B 279 -15.31 3.75 37.79
CA GLY B 279 -14.41 4.79 37.32
C GLY B 279 -12.96 4.41 37.55
N MET B 280 -12.12 5.40 37.83
CA MET B 280 -10.71 5.15 38.16
C MET B 280 -10.22 6.02 39.33
N THR B 281 -9.32 5.47 40.14
CA THR B 281 -8.82 6.15 41.34
C THR B 281 -7.31 6.28 41.35
N LEU B 282 -6.82 7.51 41.52
CA LEU B 282 -5.40 7.78 41.60
C LEU B 282 -4.92 7.81 43.05
N PHE B 283 -3.94 6.97 43.36
CA PHE B 283 -3.35 6.95 44.70
C PHE B 283 -1.94 7.52 44.65
N SER B 284 -1.80 8.77 45.09
CA SER B 284 -0.50 9.42 45.09
C SER B 284 -0.18 10.02 46.45
N ALA B 285 0.88 10.82 46.51
CA ALA B 285 1.29 11.46 47.74
C ALA B 285 0.28 12.54 48.14
N GLY B 286 -0.45 13.05 47.16
CA GLY B 286 -1.41 14.10 47.38
C GLY B 286 -2.73 13.57 47.92
N GLY B 287 -2.82 12.25 48.05
CA GLY B 287 -4.03 11.61 48.55
C GLY B 287 -4.69 10.79 47.46
N GLU B 288 -6.01 10.73 47.50
CA GLU B 288 -6.78 9.95 46.52
C GLU B 288 -7.68 10.81 45.65
N LEU B 289 -7.50 10.70 44.34
CA LEU B 289 -8.39 11.36 43.40
C LEU B 289 -9.27 10.33 42.72
N HIS B 290 -10.58 10.50 42.83
N HIS B 290 -10.58 10.50 42.85
CA HIS B 290 -11.51 9.59 42.18
CA HIS B 290 -11.55 9.61 42.21
C HIS B 290 -12.15 10.25 40.97
C HIS B 290 -12.13 10.27 40.96
N ALA B 291 -12.31 9.47 39.91
CA ALA B 291 -12.93 9.96 38.68
C ALA B 291 -13.99 8.96 38.26
N PRO B 292 -15.25 9.23 38.66
CA PRO B 292 -16.39 8.38 38.32
C PRO B 292 -16.52 8.19 36.82
N ALA B 293 -17.01 7.02 36.40
CA ALA B 293 -17.20 6.73 34.98
C ALA B 293 -18.20 7.69 34.36
N LEU B 294 -17.79 8.33 33.27
CA LEU B 294 -18.67 9.27 32.57
C LEU B 294 -19.76 8.54 31.79
N ALA B 295 -19.53 7.27 31.49
CA ALA B 295 -20.49 6.47 30.76
C ALA B 295 -21.13 5.40 31.64
N ARG B 296 -22.41 5.16 31.45
CA ARG B 296 -23.14 4.16 32.22
C ARG B 296 -23.09 2.79 31.54
N GLU B 297 -23.12 2.80 30.21
CA GLU B 297 -23.09 1.58 29.44
C GLU B 297 -21.87 1.58 28.53
N VAL B 298 -21.60 0.44 27.91
CA VAL B 298 -20.41 0.32 27.07
C VAL B 298 -20.69 -0.44 25.78
N PHE B 299 -20.22 0.10 24.67
CA PHE B 299 -20.38 -0.52 23.36
C PHE B 299 -19.30 -1.59 23.14
N ASP B 300 -18.05 -1.19 23.26
CA ASP B 300 -16.92 -2.08 23.00
C ASP B 300 -15.71 -1.67 23.84
N VAL B 301 -15.22 -2.59 24.66
CA VAL B 301 -14.14 -2.31 25.61
C VAL B 301 -12.77 -2.51 24.98
N SER B 302 -12.76 -2.94 23.72
CA SER B 302 -11.52 -3.19 22.99
C SER B 302 -10.57 -1.99 23.03
N GLY B 303 -9.35 -2.25 23.51
CA GLY B 303 -8.29 -1.26 23.58
C GLY B 303 -8.52 -0.18 24.61
N ALA B 304 -9.20 -0.51 25.69
CA ALA B 304 -9.56 0.47 26.71
C ALA B 304 -8.37 0.93 27.54
N GLY B 305 -7.67 -0.02 28.16
CA GLY B 305 -6.53 0.28 29.00
C GLY B 305 -5.39 0.89 28.21
N ASP B 306 -5.36 0.63 26.91
CA ASP B 306 -4.37 1.22 26.02
C ASP B 306 -4.59 2.73 25.96
N THR B 307 -5.83 3.12 25.71
CA THR B 307 -6.21 4.53 25.61
C THR B 307 -5.94 5.30 26.90
N VAL B 308 -6.24 4.68 28.04
CA VAL B 308 -6.05 5.33 29.33
C VAL B 308 -4.59 5.62 29.66
N ILE B 309 -3.74 4.59 29.60
CA ILE B 309 -2.33 4.78 29.92
C ILE B 309 -1.62 5.66 28.88
N ALA B 310 -2.07 5.59 27.63
CA ALA B 310 -1.48 6.41 26.58
C ALA B 310 -1.85 7.88 26.75
N THR B 311 -3.05 8.13 27.25
CA THR B 311 -3.50 9.50 27.49
C THR B 311 -2.74 10.14 28.65
N VAL B 312 -2.49 9.36 29.70
CA VAL B 312 -1.72 9.84 30.84
C VAL B 312 -0.30 10.19 30.41
N ALA B 313 0.29 9.33 29.58
CA ALA B 313 1.67 9.51 29.13
C ALA B 313 1.85 10.78 28.29
N THR B 314 1.00 10.96 27.28
CA THR B 314 1.12 12.10 26.38
C THR B 314 0.86 13.40 27.13
N MET B 315 -0.07 13.34 28.08
CA MET B 315 -0.38 14.48 28.93
C MET B 315 0.84 14.87 29.75
N LEU B 316 1.39 13.91 30.50
CA LEU B 316 2.62 14.14 31.27
C LEU B 316 3.76 14.60 30.37
N GLY B 317 3.84 14.02 29.17
CA GLY B 317 4.87 14.37 28.21
C GLY B 317 4.75 15.81 27.73
N ALA B 318 3.56 16.37 27.84
CA ALA B 318 3.32 17.76 27.47
C ALA B 318 3.36 18.67 28.70
N GLY B 319 3.89 18.16 29.81
CA GLY B 319 4.02 18.94 31.02
C GLY B 319 2.71 19.13 31.79
N VAL B 320 1.71 18.30 31.50
CA VAL B 320 0.43 18.37 32.18
C VAL B 320 0.53 17.66 33.53
N PRO B 321 0.07 18.32 34.61
CA PRO B 321 0.04 17.73 35.96
C PRO B 321 -0.67 16.38 35.97
N LEU B 322 -0.20 15.46 36.81
CA LEU B 322 -0.72 14.09 36.88
C LEU B 322 -2.21 14.03 37.15
N VAL B 323 -2.71 14.98 37.94
CA VAL B 323 -4.12 15.03 38.30
C VAL B 323 -5.04 15.23 37.09
N ASP B 324 -4.71 16.18 36.23
CA ASP B 324 -5.50 16.45 35.04
C ASP B 324 -5.33 15.36 33.99
N ALA B 325 -4.14 14.77 33.96
CA ALA B 325 -3.84 13.70 33.04
C ALA B 325 -4.76 12.51 33.26
N VAL B 326 -4.94 12.15 34.54
CA VAL B 326 -5.81 11.06 34.91
C VAL B 326 -7.27 11.39 34.58
N VAL B 327 -7.66 12.63 34.86
CA VAL B 327 -9.00 13.10 34.52
C VAL B 327 -9.25 12.98 33.01
N LEU B 328 -8.30 13.46 32.21
CA LEU B 328 -8.43 13.40 30.76
C LEU B 328 -8.36 11.96 30.24
N ALA B 329 -7.58 11.13 30.91
CA ALA B 329 -7.48 9.71 30.57
C ALA B 329 -8.82 9.01 30.82
N ASN B 330 -9.48 9.41 31.90
CA ASN B 330 -10.77 8.84 32.24
C ASN B 330 -11.87 9.27 31.26
N ARG B 331 -11.70 10.46 30.70
CA ARG B 331 -12.60 10.97 29.68
C ARG B 331 -12.41 10.20 28.38
N ALA B 332 -11.15 10.04 28.00
CA ALA B 332 -10.80 9.29 26.80
C ALA B 332 -11.37 7.88 26.87
N ALA B 333 -11.34 7.31 28.08
CA ALA B 333 -11.93 5.99 28.31
C ALA B 333 -13.43 6.04 28.05
N GLY B 334 -14.06 7.12 28.50
CA GLY B 334 -15.50 7.29 28.36
C GLY B 334 -15.95 7.47 26.93
N ILE B 335 -15.00 7.78 26.04
CA ILE B 335 -15.30 7.95 24.63
C ILE B 335 -15.04 6.68 23.85
N VAL B 336 -13.87 6.08 24.06
CA VAL B 336 -13.47 4.89 23.32
C VAL B 336 -14.34 3.66 23.62
N VAL B 337 -14.95 3.62 24.80
CA VAL B 337 -15.85 2.52 25.13
C VAL B 337 -17.16 2.63 24.36
N GLY B 338 -17.43 3.81 23.82
CA GLY B 338 -18.63 4.03 23.05
C GLY B 338 -18.41 3.82 21.56
N LYS B 339 -17.15 3.58 21.20
CA LYS B 339 -16.77 3.43 19.79
C LYS B 339 -16.41 1.99 19.46
N LEU B 340 -16.58 1.62 18.19
CA LEU B 340 -16.32 0.27 17.73
C LEU B 340 -14.83 -0.06 17.67
N GLY B 341 -14.49 -1.28 18.05
CA GLY B 341 -13.11 -1.77 17.97
C GLY B 341 -12.15 -1.00 18.85
N THR B 342 -10.85 -1.27 18.67
CA THR B 342 -9.82 -0.55 19.42
C THR B 342 -9.71 0.89 18.93
N ALA B 343 -10.72 1.69 19.23
CA ALA B 343 -10.77 3.08 18.78
C ALA B 343 -9.89 3.97 19.62
N THR B 344 -9.77 5.22 19.19
CA THR B 344 -8.91 6.18 19.86
C THR B 344 -9.63 7.50 20.08
N VAL B 345 -8.91 8.48 20.60
CA VAL B 345 -9.45 9.81 20.83
C VAL B 345 -8.48 10.84 20.26
N ASP B 346 -9.00 11.78 19.48
CA ASP B 346 -8.19 12.87 18.97
C ASP B 346 -8.32 14.10 19.88
N TYR B 347 -8.03 15.27 19.34
CA TYR B 347 -8.01 16.47 20.18
C TYR B 347 -9.40 17.03 20.46
N ASP B 348 -10.12 17.40 19.41
CA ASP B 348 -11.39 18.11 19.54
C ASP B 348 -12.49 17.23 20.12
N GLU B 349 -12.22 15.94 20.24
CA GLU B 349 -13.17 15.01 20.81
C GLU B 349 -12.97 14.91 22.32
N LEU B 350 -11.74 15.15 22.75
CA LEU B 350 -11.43 15.17 24.17
C LEU B 350 -11.84 16.52 24.76
N PHE B 351 -11.47 17.59 24.06
CA PHE B 351 -11.84 18.94 24.47
C PHE B 351 -12.96 19.47 23.58
O27 IHA C . 8.83 6.11 -31.63
C25 IHA C . 8.59 7.19 -32.23
O26 IHA C . 9.19 7.55 -33.27
C24 IHA C . 7.53 8.09 -31.69
O23 IHA C . 6.47 8.18 -32.66
C22 IHA C . 5.44 9.04 -32.41
C21 IHA C . 5.30 10.19 -33.18
C28 IHA C . 4.55 8.75 -31.39
C29 IHA C . 3.50 9.62 -31.12
C30 IHA C . 3.36 10.76 -31.90
C20 IHA C . 4.25 11.06 -32.92
N19 IHA C . 3.88 12.23 -33.52
S31 IHA C . 2.19 11.86 -31.70
C18 IHA C . 2.77 12.79 -32.97
C17 IHA C . 2.03 14.07 -33.31
N16 IHA C . 1.82 14.86 -32.11
C15 IHA C . 2.81 15.62 -31.57
N14 IHA C . 2.48 16.69 -30.83
N13 IHA C . 3.47 17.49 -30.25
C12 IHA C . 4.76 17.18 -30.43
N32 IHA C . 4.12 15.31 -31.75
C11 IHA C . 5.10 16.07 -31.20
C10 IHA C . 6.54 15.70 -31.39
C3 IHA C . 7.50 16.61 -31.78
O2 IHA C . 7.18 17.93 -32.02
C1 IHA C . 8.19 18.92 -32.14
C7 IHA C . 6.91 14.38 -31.17
O8 IHA C . 5.95 13.47 -30.77
C9 IHA C . 6.31 12.13 -30.51
C6 IHA C . 8.22 13.98 -31.31
C5 IHA C . 9.19 14.88 -31.71
C4 IHA C . 8.83 16.20 -31.94
P M7B D . 11.60 -1.79 -26.77
C1 M7B D . 7.96 2.81 -24.95
C2 M7B D . 7.12 2.66 -23.70
O2 M7B D . 6.04 1.81 -23.89
C3 M7B D . 7.95 2.26 -22.50
O3 M7B D . 7.17 1.81 -21.47
C4 M7B D . 9.01 1.20 -22.86
O4 M7B D . 9.84 0.98 -21.78
C5 M7B D . 9.74 1.61 -24.12
C6 M7B D . 10.92 0.71 -24.40
O6 M7B D . 11.62 1.14 -25.50
C7 M7B D . 10.59 -0.75 -24.64
O7 M7B D . 10.45 -1.05 -25.99
O8 M7B D . 12.81 -0.87 -26.85
O9 M7B D . 12.00 -3.09 -26.06
O10 M7B D . 11.13 -2.12 -28.18
O1 M7B D . 7.16 3.00 -26.05
O5 M7B D . 8.78 1.70 -25.13
K K E . 6.78 11.10 -21.85
CL CL F . 2.34 3.60 -13.10
O27 IHA G . -10.58 -5.71 33.57
C25 IHA G . -10.41 -4.79 32.75
O26 IHA G . -10.58 -4.94 31.51
C24 IHA G . -9.99 -3.42 33.23
O23 IHA G . -9.60 -2.59 32.14
C22 IHA G . -9.99 -1.28 32.09
C21 IHA G . -10.72 -0.75 33.15
C28 IHA G . -9.68 -0.50 30.98
C29 IHA G . -10.09 0.84 30.92
C30 IHA G . -10.80 1.35 31.99
C20 IHA G . -11.13 0.59 33.11
N19 IHA G . -11.83 1.36 34.00
S31 IHA G . -11.32 2.87 32.04
C18 IHA G . -12.03 2.63 33.55
C17 IHA G . -12.73 3.82 34.18
N16 IHA G . -13.41 4.64 33.20
C15 IHA G . -14.52 4.22 32.54
N14 IHA G . -15.22 5.13 31.83
N13 IHA G . -16.37 4.75 31.12
C12 IHA G . -16.77 3.48 31.17
N32 IHA G . -14.94 2.93 32.58
C11 IHA G . -16.05 2.54 31.90
C10 IHA G . -16.51 1.12 31.96
C3 IHA G . -17.76 0.80 32.48
O2 IHA G . -18.59 1.80 32.93
C1 IHA G . -19.97 1.51 33.21
C7 IHA G . -15.67 0.12 31.51
O8 IHA G . -14.43 0.45 31.00
C9 IHA G . -13.44 -0.56 30.88
C6 IHA G . -16.06 -1.23 31.55
C5 IHA G . -17.33 -1.54 32.07
C4 IHA G . -18.18 -0.54 32.53
P PO4 H . -2.06 -12.37 26.21
O1 PO4 H . -2.79 -11.18 25.63
O2 PO4 H . -3.06 -13.33 26.79
O3 PO4 H . -1.27 -13.07 25.14
O4 PO4 H . -1.15 -11.90 27.32
K K I . -13.46 0.71 21.90
CL CL J . -4.78 -0.88 13.60
#